data_2AGD
#
_entry.id   2AGD
#
_cell.length_a   107.464
_cell.length_b   194.784
_cell.length_c   143.700
_cell.angle_alpha   90.00
_cell.angle_beta   90.00
_cell.angle_gamma   90.00
#
_symmetry.space_group_name_H-M   'C 2 2 21'
#
loop_
_entity.id
_entity.type
_entity.pdbx_description
1 polymer 'Beta-1,4-galactosyltransferase 1'
2 branched 2-acetamido-2-deoxy-beta-D-glucopyranose-(1-4)-alpha-D-mannopyranose-(1-3)-beta-D-mannopyranose
3 non-polymer 'MANGANESE (II) ION'
4 non-polymer 'SULFATE ION'
5 non-polymer "6-AMINOHEXYL-URIDINE-C1,5'-DIPHOSPHATE"
6 non-polymer GLYCEROL
7 non-polymer '1,4-DIETHYLENE DIOXIDE'
8 non-polymer '2-(N-MORPHOLINO)-ETHANESULFONIC ACID'
9 water water
#
_entity_poly.entity_id   1
_entity_poly.type   'polypeptide(L)'
_entity_poly.pdbx_seq_one_letter_code
;ASMTGGQQMGRGSASLPACPEESPLLVGPMLIEFNMPVDLELVAKQNPNVKMGGRYAPRDCVSPHKVAIIIPFRNRQEHL
KYWLYYLHPVLQRQQLDYGIYVINQAGDTIFNRAKLLNVGFQEALKDYDYTCFVFSDVDLIPMNDHNAYRCFSQPRHISV
AMDKFGFSLPYVQYFGGVSALSKQQFLTINGFPNNYWGWGGEDDDIFNRLVFRGMSISRPNAVVGTTRHIRHSRDKKNEP
NPQRFDRIAHTKETMLSDGLNSLTYQVLDVQRYPLYTQITVDIGTPS
;
_entity_poly.pdbx_strand_id   A,B,C
#
loop_
_chem_comp.id
_chem_comp.type
_chem_comp.name
_chem_comp.formula
BMA D-saccharide, beta linking beta-D-mannopyranose 'C6 H12 O6'
DIO non-polymer '1,4-DIETHYLENE DIOXIDE' 'C4 H8 O2'
GOL non-polymer GLYCEROL 'C3 H8 O3'
MAN D-saccharide, alpha linking alpha-D-mannopyranose 'C6 H12 O6'
MES non-polymer '2-(N-MORPHOLINO)-ETHANESULFONIC ACID' 'C6 H13 N O4 S'
MN non-polymer 'MANGANESE (II) ION' 'Mn 2'
NAG D-saccharide, beta linking 2-acetamido-2-deoxy-beta-D-glucopyranose 'C8 H15 N O6'
SO4 non-polymer 'SULFATE ION' 'O4 S -2'
UDH non-polymer 6-AMINOHEXYL-URIDINE-C1,5'-DIPHOSPHATE 'C15 H27 N3 O12 P2'
#
# COMPACT_ATOMS: atom_id res chain seq x y z
N SER A 15 10.48 -58.17 -12.66
CA SER A 15 11.34 -59.31 -12.23
C SER A 15 12.64 -58.87 -11.54
N LEU A 16 13.16 -57.69 -11.89
CA LEU A 16 14.40 -57.21 -11.27
C LEU A 16 14.18 -56.94 -9.78
N PRO A 17 15.14 -57.36 -8.94
CA PRO A 17 15.01 -57.12 -7.50
C PRO A 17 15.37 -55.67 -7.22
N ALA A 18 15.06 -55.22 -6.01
CA ALA A 18 15.38 -53.86 -5.63
C ALA A 18 16.90 -53.77 -5.44
N CYS A 19 17.46 -52.60 -5.69
CA CYS A 19 18.89 -52.43 -5.49
C CYS A 19 19.13 -52.47 -3.99
N PRO A 20 20.37 -52.73 -3.57
CA PRO A 20 20.56 -52.75 -2.12
C PRO A 20 20.41 -51.32 -1.56
N GLU A 21 19.98 -51.24 -0.31
CA GLU A 21 19.78 -49.95 0.38
C GLU A 21 20.97 -49.02 0.21
N GLU A 22 22.17 -49.55 0.36
CA GLU A 22 23.37 -48.76 0.17
C GLU A 22 24.12 -49.42 -0.99
N SER A 23 24.58 -48.62 -1.94
CA SER A 23 25.29 -49.17 -3.08
C SER A 23 26.61 -49.83 -2.68
N PRO A 24 26.89 -51.03 -3.22
CA PRO A 24 28.14 -51.73 -2.89
C PRO A 24 29.25 -51.30 -3.84
N LEU A 25 28.91 -50.44 -4.80
CA LEU A 25 29.85 -50.00 -5.81
C LEU A 25 30.72 -48.79 -5.41
N LEU A 26 30.36 -48.12 -4.33
CA LEU A 26 31.08 -46.91 -3.92
C LEU A 26 32.55 -47.11 -3.53
N VAL A 27 33.39 -46.15 -3.89
CA VAL A 27 34.82 -46.23 -3.56
C VAL A 27 35.22 -45.18 -2.53
N GLY A 28 34.31 -44.28 -2.19
CA GLY A 28 34.61 -43.27 -1.19
C GLY A 28 35.35 -42.03 -1.70
N PRO A 29 36.45 -41.65 -1.03
CA PRO A 29 37.29 -40.49 -1.37
C PRO A 29 37.79 -40.57 -2.80
N MET A 30 37.69 -39.45 -3.52
CA MET A 30 38.15 -39.40 -4.91
C MET A 30 39.06 -38.20 -5.14
N LEU A 31 39.87 -38.28 -6.19
CA LEU A 31 40.78 -37.19 -6.54
C LEU A 31 40.08 -36.30 -7.56
N ILE A 32 39.89 -35.02 -7.21
CA ILE A 32 39.21 -34.07 -8.08
C ILE A 32 40.15 -32.97 -8.54
N GLU A 33 40.20 -32.70 -9.85
CA GLU A 33 41.06 -31.64 -10.37
C GLU A 33 40.39 -30.96 -11.56
N PHE A 34 40.68 -29.67 -11.75
CA PHE A 34 40.08 -28.91 -12.84
C PHE A 34 41.10 -28.26 -13.77
N ASN A 35 42.30 -28.82 -13.82
CA ASN A 35 43.36 -28.25 -14.65
C ASN A 35 43.49 -28.84 -16.06
N MET A 36 42.62 -29.78 -16.41
CA MET A 36 42.72 -30.39 -17.73
C MET A 36 41.51 -30.16 -18.64
N PRO A 37 41.72 -30.27 -19.96
CA PRO A 37 40.60 -30.05 -20.89
C PRO A 37 39.66 -31.25 -20.85
N VAL A 38 38.39 -31.01 -21.15
CA VAL A 38 37.39 -32.06 -21.13
C VAL A 38 36.72 -32.12 -22.48
N ASP A 39 36.59 -33.34 -23.00
CA ASP A 39 35.94 -33.56 -24.28
C ASP A 39 34.70 -34.41 -24.01
N LEU A 40 33.53 -33.79 -24.14
CA LEU A 40 32.28 -34.50 -23.87
C LEU A 40 32.01 -35.71 -24.75
N GLU A 41 32.54 -35.73 -25.97
CA GLU A 41 32.32 -36.91 -26.80
C GLU A 41 33.02 -38.09 -26.12
N LEU A 42 34.20 -37.80 -25.56
CA LEU A 42 34.98 -38.83 -24.87
C LEU A 42 34.26 -39.21 -23.57
N VAL A 43 33.78 -38.21 -22.84
CA VAL A 43 33.06 -38.50 -21.60
C VAL A 43 31.89 -39.42 -21.94
N ALA A 44 31.20 -39.12 -23.04
CA ALA A 44 30.07 -39.95 -23.45
C ALA A 44 30.55 -41.37 -23.70
N LYS A 45 31.73 -41.50 -24.30
CA LYS A 45 32.27 -42.82 -24.58
C LYS A 45 32.63 -43.54 -23.29
N GLN A 46 33.14 -42.79 -22.32
CA GLN A 46 33.52 -43.36 -21.02
C GLN A 46 32.28 -43.76 -20.21
N ASN A 47 31.12 -43.21 -20.59
CA ASN A 47 29.87 -43.52 -19.89
C ASN A 47 28.84 -44.06 -20.88
N PRO A 48 29.16 -45.20 -21.50
CA PRO A 48 28.28 -45.84 -22.48
C PRO A 48 26.87 -46.20 -22.02
N ASN A 49 26.64 -46.29 -20.72
CA ASN A 49 25.30 -46.65 -20.26
C ASN A 49 24.37 -45.44 -20.03
N VAL A 50 24.90 -44.24 -20.19
CA VAL A 50 24.10 -43.04 -20.04
C VAL A 50 23.40 -42.81 -21.37
N LYS A 51 22.07 -42.82 -21.36
CA LYS A 51 21.30 -42.64 -22.58
C LYS A 51 21.04 -41.20 -22.94
N MET A 52 20.58 -40.99 -24.17
CA MET A 52 20.32 -39.65 -24.69
C MET A 52 19.53 -38.81 -23.71
N GLY A 53 20.01 -37.58 -23.49
CA GLY A 53 19.36 -36.67 -22.56
C GLY A 53 19.96 -36.75 -21.18
N GLY A 54 20.99 -37.58 -21.03
CA GLY A 54 21.66 -37.75 -19.73
C GLY A 54 20.83 -38.55 -18.75
N ARG A 55 20.28 -39.66 -19.23
CA ARG A 55 19.42 -40.55 -18.43
C ARG A 55 20.10 -41.88 -18.18
N TYR A 56 19.91 -42.41 -16.97
CA TYR A 56 20.49 -43.69 -16.59
C TYR A 56 19.70 -44.34 -15.48
N ALA A 57 19.63 -45.67 -15.52
CA ALA A 57 19.00 -46.47 -14.47
C ALA A 57 19.80 -47.78 -14.47
N PRO A 58 20.03 -48.37 -13.30
CA PRO A 58 20.79 -49.62 -13.32
C PRO A 58 20.09 -50.74 -14.09
N ARG A 59 20.85 -51.62 -14.72
CA ARG A 59 20.20 -52.68 -15.47
C ARG A 59 19.96 -53.94 -14.64
N ASP A 60 20.64 -54.06 -13.51
CA ASP A 60 20.53 -55.24 -12.67
C ASP A 60 19.56 -55.17 -11.50
N CYS A 61 19.09 -53.97 -11.18
CA CYS A 61 18.17 -53.84 -10.06
C CYS A 61 17.36 -52.55 -10.21
N VAL A 62 16.28 -52.46 -9.46
CA VAL A 62 15.38 -51.31 -9.49
C VAL A 62 15.74 -50.33 -8.36
N SER A 63 16.10 -49.11 -8.73
CA SER A 63 16.45 -48.10 -7.73
C SER A 63 15.19 -47.39 -7.26
N PRO A 64 15.06 -47.18 -5.94
CA PRO A 64 13.89 -46.48 -5.38
C PRO A 64 14.09 -44.97 -5.53
N HIS A 65 15.30 -44.57 -5.96
CA HIS A 65 15.62 -43.17 -6.13
C HIS A 65 15.47 -42.72 -7.59
N LYS A 66 14.38 -42.01 -7.87
CA LYS A 66 14.09 -41.47 -9.20
C LYS A 66 14.41 -40.00 -9.06
N VAL A 67 15.64 -39.68 -9.45
CA VAL A 67 16.20 -38.36 -9.29
C VAL A 67 16.39 -37.48 -10.52
N ALA A 68 15.85 -36.26 -10.46
CA ALA A 68 16.07 -35.30 -11.52
C ALA A 68 17.09 -34.33 -10.91
N ILE A 69 18.24 -34.19 -11.57
CA ILE A 69 19.27 -33.29 -11.10
C ILE A 69 19.14 -32.00 -11.90
N ILE A 70 18.89 -30.91 -11.18
CA ILE A 70 18.63 -29.61 -11.78
C ILE A 70 19.75 -28.62 -11.57
N ILE A 71 20.29 -28.12 -12.68
CA ILE A 71 21.40 -27.17 -12.62
C ILE A 71 20.99 -25.82 -13.21
N PRO A 72 21.02 -24.74 -12.39
CA PRO A 72 20.66 -23.41 -12.89
C PRO A 72 21.84 -22.99 -13.75
N PHE A 73 21.58 -22.39 -14.90
CA PHE A 73 22.68 -22.13 -15.82
C PHE A 73 22.57 -20.99 -16.82
N ARG A 74 23.74 -20.41 -17.11
CA ARG A 74 23.94 -19.42 -18.16
C ARG A 74 25.43 -19.15 -18.33
N ASN A 75 25.93 -19.39 -19.53
CA ASN A 75 27.32 -19.12 -19.85
C ASN A 75 28.32 -19.79 -18.90
N ARG A 76 28.11 -21.07 -18.63
CA ARG A 76 29.00 -21.83 -17.75
C ARG A 76 29.31 -23.18 -18.38
N GLN A 77 29.50 -23.18 -19.70
CA GLN A 77 29.78 -24.42 -20.42
C GLN A 77 31.03 -25.14 -19.93
N GLU A 78 32.10 -24.39 -19.69
CA GLU A 78 33.34 -24.99 -19.22
C GLU A 78 33.12 -25.70 -17.89
N HIS A 79 32.43 -25.03 -16.96
CA HIS A 79 32.17 -25.64 -15.66
C HIS A 79 31.30 -26.88 -15.84
N LEU A 80 30.29 -26.77 -16.69
CA LEU A 80 29.39 -27.88 -16.93
C LEU A 80 30.13 -29.12 -17.45
N LYS A 81 31.17 -28.92 -18.26
CA LYS A 81 31.91 -30.07 -18.76
C LYS A 81 32.56 -30.83 -17.62
N TYR A 82 33.15 -30.12 -16.67
CA TYR A 82 33.78 -30.78 -15.52
C TYR A 82 32.70 -31.46 -14.68
N TRP A 83 31.57 -30.78 -14.51
CA TRP A 83 30.50 -31.34 -13.70
C TRP A 83 30.07 -32.69 -14.26
N LEU A 84 29.85 -32.75 -15.58
CA LEU A 84 29.42 -33.99 -16.21
C LEU A 84 30.48 -35.07 -16.13
N TYR A 85 31.73 -34.66 -16.34
CA TYR A 85 32.87 -35.57 -16.28
C TYR A 85 32.95 -36.27 -14.92
N TYR A 86 32.78 -35.51 -13.84
CA TYR A 86 32.86 -36.10 -12.50
C TYR A 86 31.57 -36.71 -11.96
N LEU A 87 30.44 -36.03 -12.15
CA LEU A 87 29.20 -36.57 -11.60
C LEU A 87 28.61 -37.84 -12.24
N HIS A 88 28.63 -37.92 -13.57
CA HIS A 88 28.05 -39.10 -14.19
C HIS A 88 28.58 -40.43 -13.62
N PRO A 89 29.92 -40.56 -13.48
CA PRO A 89 30.41 -41.83 -12.92
C PRO A 89 29.88 -42.04 -11.50
N VAL A 90 29.88 -40.98 -10.70
CA VAL A 90 29.40 -41.06 -9.33
C VAL A 90 27.92 -41.42 -9.22
N LEU A 91 27.08 -40.77 -10.03
CA LEU A 91 25.66 -41.04 -9.96
C LEU A 91 25.36 -42.48 -10.35
N GLN A 92 26.07 -43.01 -11.33
CA GLN A 92 25.84 -44.40 -11.72
C GLN A 92 26.28 -45.35 -10.60
N ARG A 93 27.40 -45.03 -9.93
CA ARG A 93 27.85 -45.91 -8.84
C ARG A 93 26.85 -45.90 -7.69
N GLN A 94 26.13 -44.79 -7.53
CA GLN A 94 25.13 -44.70 -6.47
C GLN A 94 23.83 -45.43 -6.85
N GLN A 95 23.85 -46.06 -8.02
CA GLN A 95 22.72 -46.86 -8.50
C GLN A 95 21.41 -46.09 -8.54
N LEU A 96 21.46 -44.87 -9.04
CA LEU A 96 20.27 -44.02 -9.13
C LEU A 96 19.59 -44.14 -10.50
N ASP A 97 18.28 -43.90 -10.53
CA ASP A 97 17.49 -43.88 -11.78
C ASP A 97 17.41 -42.37 -11.94
N TYR A 98 18.32 -41.80 -12.73
CA TYR A 98 18.38 -40.35 -12.81
C TYR A 98 18.41 -39.69 -14.17
N GLY A 99 18.23 -38.37 -14.15
CA GLY A 99 18.27 -37.56 -15.35
C GLY A 99 18.90 -36.22 -15.04
N ILE A 100 19.68 -35.68 -15.98
CA ILE A 100 20.34 -34.39 -15.80
C ILE A 100 19.61 -33.31 -16.61
N TYR A 101 19.30 -32.20 -15.94
CA TYR A 101 18.64 -31.05 -16.55
C TYR A 101 19.39 -29.75 -16.33
N VAL A 102 19.82 -29.12 -17.41
CA VAL A 102 20.52 -27.84 -17.34
C VAL A 102 19.47 -26.83 -17.75
N ILE A 103 19.14 -25.93 -16.84
CA ILE A 103 18.12 -24.93 -17.12
C ILE A 103 18.82 -23.66 -17.51
N ASN A 104 18.90 -23.46 -18.83
CA ASN A 104 19.57 -22.30 -19.42
C ASN A 104 18.68 -21.06 -19.50
N GLN A 105 19.08 -19.99 -18.80
CA GLN A 105 18.31 -18.75 -18.82
C GLN A 105 18.53 -18.00 -20.12
N ALA A 106 17.48 -17.85 -20.91
CA ALA A 106 17.57 -17.12 -22.18
C ALA A 106 17.80 -15.64 -21.92
N GLY A 107 18.40 -14.96 -22.90
CA GLY A 107 18.64 -13.53 -22.76
C GLY A 107 19.85 -13.12 -21.93
N ASP A 108 20.00 -11.81 -21.73
CA ASP A 108 21.14 -11.28 -20.98
C ASP A 108 20.74 -10.31 -19.87
N THR A 109 19.58 -10.54 -19.27
CA THR A 109 19.15 -9.66 -18.18
C THR A 109 19.46 -10.34 -16.84
N ILE A 110 19.20 -9.63 -15.75
CA ILE A 110 19.54 -10.16 -14.43
C ILE A 110 19.16 -11.64 -14.20
N PHE A 111 20.15 -12.40 -13.73
CA PHE A 111 20.03 -13.84 -13.45
C PHE A 111 19.07 -14.14 -12.31
N ASN A 112 18.38 -15.28 -12.40
CA ASN A 112 17.44 -15.69 -11.35
C ASN A 112 17.57 -17.19 -11.06
N ARG A 113 18.57 -17.52 -10.25
CA ARG A 113 18.85 -18.90 -9.90
C ARG A 113 17.64 -19.70 -9.42
N ALA A 114 16.93 -19.21 -8.41
CA ALA A 114 15.80 -19.98 -7.88
C ALA A 114 14.65 -20.16 -8.84
N LYS A 115 14.38 -19.16 -9.67
CA LYS A 115 13.26 -19.33 -10.59
C LYS A 115 13.59 -20.43 -11.60
N LEU A 116 14.84 -20.49 -12.05
CA LEU A 116 15.25 -21.51 -13.00
C LEU A 116 15.10 -22.90 -12.36
N LEU A 117 15.43 -22.99 -11.08
CA LEU A 117 15.29 -24.25 -10.36
C LEU A 117 13.81 -24.69 -10.36
N ASN A 118 12.87 -23.76 -10.17
CA ASN A 118 11.44 -24.12 -10.20
C ASN A 118 11.05 -24.62 -11.61
N VAL A 119 11.61 -23.97 -12.63
CA VAL A 119 11.37 -24.38 -14.02
C VAL A 119 11.84 -25.84 -14.17
N GLY A 120 13.03 -26.12 -13.64
CA GLY A 120 13.58 -27.46 -13.73
C GLY A 120 12.65 -28.50 -13.12
N PHE A 121 12.13 -28.19 -11.94
CA PHE A 121 11.22 -29.11 -11.25
C PHE A 121 9.99 -29.40 -12.10
N GLN A 122 9.35 -28.33 -12.57
CA GLN A 122 8.14 -28.49 -13.36
C GLN A 122 8.38 -29.20 -14.68
N GLU A 123 9.45 -28.84 -15.37
CA GLU A 123 9.70 -29.45 -16.67
C GLU A 123 10.18 -30.90 -16.59
N ALA A 124 11.03 -31.22 -15.62
CA ALA A 124 11.52 -32.59 -15.51
C ALA A 124 10.37 -33.55 -15.27
N LEU A 125 9.37 -33.10 -14.51
CA LEU A 125 8.21 -33.94 -14.21
C LEU A 125 7.43 -34.31 -15.48
N LYS A 126 7.61 -33.52 -16.54
CA LYS A 126 6.93 -33.80 -17.81
C LYS A 126 7.60 -34.98 -18.53
N ASP A 127 8.85 -35.27 -18.17
CA ASP A 127 9.58 -36.38 -18.79
C ASP A 127 9.38 -37.73 -18.13
N TYR A 128 9.34 -37.71 -16.80
CA TYR A 128 9.30 -38.97 -16.09
C TYR A 128 8.78 -38.71 -14.67
N ASP A 129 8.30 -39.77 -14.04
CA ASP A 129 7.77 -39.69 -12.69
C ASP A 129 8.88 -39.57 -11.62
N TYR A 130 9.69 -38.51 -11.69
CA TYR A 130 10.76 -38.33 -10.69
C TYR A 130 10.11 -38.06 -9.34
N THR A 131 10.71 -38.52 -8.26
CA THR A 131 10.14 -38.27 -6.94
C THR A 131 11.19 -37.63 -6.03
N CYS A 132 12.32 -37.29 -6.62
CA CYS A 132 13.42 -36.66 -5.89
C CYS A 132 14.10 -35.65 -6.79
N PHE A 133 14.46 -34.50 -6.22
CA PHE A 133 15.11 -33.44 -6.96
C PHE A 133 16.37 -32.95 -6.29
N VAL A 134 17.48 -33.04 -7.03
CA VAL A 134 18.75 -32.54 -6.55
C VAL A 134 18.99 -31.21 -7.25
N PHE A 135 19.18 -30.16 -6.48
CA PHE A 135 19.43 -28.84 -7.06
C PHE A 135 20.90 -28.57 -6.84
N SER A 136 21.64 -28.42 -7.93
CA SER A 136 23.07 -28.21 -7.82
C SER A 136 23.67 -27.10 -8.65
N ASP A 137 24.47 -26.24 -8.03
CA ASP A 137 25.16 -25.22 -8.79
C ASP A 137 26.08 -26.03 -9.72
N VAL A 138 26.44 -25.43 -10.86
CA VAL A 138 27.24 -26.09 -11.89
C VAL A 138 28.72 -26.26 -11.58
N ASP A 139 29.21 -25.54 -10.58
CA ASP A 139 30.62 -25.56 -10.24
C ASP A 139 30.95 -26.28 -8.95
N LEU A 140 30.09 -27.19 -8.50
CA LEU A 140 30.34 -27.92 -7.25
C LEU A 140 30.47 -29.40 -7.55
N ILE A 141 31.59 -29.97 -7.13
CA ILE A 141 31.88 -31.37 -7.38
C ILE A 141 32.13 -32.08 -6.08
N PRO A 142 31.40 -33.16 -5.79
CA PRO A 142 31.62 -33.89 -4.53
C PRO A 142 32.94 -34.64 -4.58
N MET A 143 33.61 -34.74 -3.43
CA MET A 143 34.89 -35.44 -3.37
C MET A 143 34.80 -36.86 -2.81
N ASN A 144 33.60 -37.29 -2.40
CA ASN A 144 33.42 -38.61 -1.83
C ASN A 144 32.09 -39.16 -2.31
N ASP A 145 32.10 -40.29 -3.02
CA ASP A 145 30.85 -40.82 -3.53
C ASP A 145 29.90 -41.40 -2.50
N HIS A 146 30.29 -41.37 -1.22
CA HIS A 146 29.39 -41.82 -0.17
C HIS A 146 28.39 -40.67 0.11
N ASN A 147 28.64 -39.49 -0.48
CA ASN A 147 27.74 -38.33 -0.30
C ASN A 147 26.59 -38.54 -1.31
N ALA A 148 25.48 -39.07 -0.80
CA ALA A 148 24.34 -39.43 -1.64
C ALA A 148 23.60 -38.30 -2.35
N TYR A 149 23.47 -38.42 -3.66
CA TYR A 149 22.76 -37.44 -4.46
C TYR A 149 21.33 -37.93 -4.68
N ARG A 150 20.62 -38.13 -3.58
CA ARG A 150 19.24 -38.57 -3.61
C ARG A 150 18.54 -38.02 -2.37
N CYS A 151 17.25 -38.30 -2.23
CA CYS A 151 16.47 -37.75 -1.13
C CYS A 151 16.36 -38.59 0.14
N PHE A 152 16.06 -37.90 1.24
CA PHE A 152 15.91 -38.51 2.57
C PHE A 152 14.56 -38.13 3.19
N SER A 153 14.30 -38.61 4.42
CA SER A 153 13.01 -38.29 5.05
C SER A 153 12.87 -36.79 5.32
N GLN A 154 13.99 -36.09 5.36
CA GLN A 154 14.03 -34.64 5.57
C GLN A 154 14.87 -34.03 4.43
N PRO A 155 14.69 -32.71 4.15
CA PRO A 155 15.45 -32.03 3.11
C PRO A 155 16.92 -32.31 3.38
N ARG A 156 17.69 -32.53 2.33
CA ARG A 156 19.08 -32.90 2.45
C ARG A 156 20.03 -31.85 1.90
N HIS A 157 20.96 -31.39 2.74
CA HIS A 157 21.98 -30.43 2.30
C HIS A 157 23.16 -31.33 1.97
N ILE A 158 23.62 -31.28 0.72
CA ILE A 158 24.69 -32.13 0.22
C ILE A 158 26.10 -31.53 0.21
N SER A 159 26.22 -30.28 -0.23
CA SER A 159 27.53 -29.64 -0.30
C SER A 159 27.86 -28.99 1.05
N VAL A 160 28.09 -29.82 2.08
CA VAL A 160 28.33 -29.31 3.41
C VAL A 160 29.72 -28.84 3.80
N ALA A 161 30.76 -29.34 3.13
CA ALA A 161 32.12 -28.95 3.48
C ALA A 161 32.89 -28.55 2.23
N MET A 162 32.57 -27.37 1.71
CA MET A 162 33.20 -26.87 0.51
C MET A 162 34.57 -26.29 0.78
N ASP A 163 35.50 -26.52 -0.14
CA ASP A 163 36.85 -26.00 0.07
C ASP A 163 36.82 -24.48 0.20
N LYS A 164 36.01 -23.80 -0.60
CA LYS A 164 35.98 -22.34 -0.50
C LYS A 164 35.49 -21.81 0.85
N PHE A 165 34.91 -22.67 1.69
CA PHE A 165 34.47 -22.25 3.03
C PHE A 165 35.33 -22.94 4.09
N GLY A 166 36.52 -23.38 3.68
CA GLY A 166 37.42 -24.04 4.62
C GLY A 166 36.96 -25.42 5.06
N PHE A 167 36.29 -26.13 4.17
CA PHE A 167 35.82 -27.47 4.48
C PHE A 167 34.87 -27.56 5.67
N SER A 168 33.98 -26.59 5.80
CA SER A 168 32.98 -26.61 6.86
C SER A 168 31.82 -25.73 6.37
N LEU A 169 30.74 -25.66 7.13
CA LEU A 169 29.61 -24.83 6.72
C LEU A 169 29.99 -23.38 7.06
N PRO A 170 29.59 -22.42 6.21
CA PRO A 170 29.88 -21.01 6.47
C PRO A 170 29.10 -20.52 7.69
N TYR A 171 27.92 -21.09 7.90
CA TYR A 171 27.08 -20.84 9.07
C TYR A 171 26.18 -22.06 9.17
N VAL A 172 25.70 -22.38 10.37
CA VAL A 172 24.92 -23.61 10.52
C VAL A 172 23.61 -23.69 9.77
N GLN A 173 23.02 -22.56 9.40
CA GLN A 173 21.78 -22.61 8.63
C GLN A 173 22.02 -22.48 7.11
N TYR A 174 23.28 -22.53 6.70
CA TYR A 174 23.60 -22.45 5.27
C TYR A 174 23.01 -23.66 4.52
N PHE A 175 22.29 -23.42 3.43
CA PHE A 175 21.65 -24.50 2.68
C PHE A 175 21.92 -24.33 1.18
N GLY A 176 22.95 -23.57 0.84
CA GLY A 176 23.23 -23.36 -0.58
C GLY A 176 24.12 -24.39 -1.22
N GLY A 177 24.31 -24.23 -2.54
CA GLY A 177 25.20 -25.12 -3.26
C GLY A 177 24.52 -26.30 -3.89
N VAL A 178 24.41 -27.36 -3.11
CA VAL A 178 23.78 -28.59 -3.57
C VAL A 178 22.85 -29.12 -2.49
N SER A 179 21.62 -29.44 -2.88
CA SER A 179 20.66 -29.95 -1.93
C SER A 179 19.72 -30.91 -2.66
N ALA A 180 18.97 -31.69 -1.89
CA ALA A 180 18.01 -32.63 -2.46
C ALA A 180 16.71 -32.56 -1.69
N LEU A 181 15.61 -32.37 -2.41
CA LEU A 181 14.30 -32.35 -1.80
C LEU A 181 13.42 -33.37 -2.51
N SER A 182 12.64 -34.14 -1.75
CA SER A 182 11.74 -35.11 -2.36
C SER A 182 10.65 -34.28 -3.04
N LYS A 183 9.87 -34.90 -3.91
CA LYS A 183 8.78 -34.21 -4.58
C LYS A 183 7.83 -33.63 -3.53
N GLN A 184 7.52 -34.41 -2.50
CA GLN A 184 6.60 -33.91 -1.48
C GLN A 184 7.17 -32.76 -0.67
N GLN A 185 8.45 -32.86 -0.32
CA GLN A 185 9.08 -31.78 0.44
C GLN A 185 9.01 -30.48 -0.37
N PHE A 186 9.37 -30.56 -1.66
CA PHE A 186 9.34 -29.39 -2.54
C PHE A 186 7.93 -28.79 -2.65
N LEU A 187 6.93 -29.65 -2.86
CA LEU A 187 5.56 -29.17 -2.97
C LEU A 187 5.08 -28.54 -1.67
N THR A 188 5.49 -29.13 -0.55
CA THR A 188 5.07 -28.63 0.75
C THR A 188 5.51 -27.19 1.00
N ILE A 189 6.66 -26.79 0.47
CA ILE A 189 7.09 -25.40 0.68
C ILE A 189 6.71 -24.47 -0.50
N ASN A 190 5.84 -24.94 -1.39
CA ASN A 190 5.43 -24.16 -2.57
C ASN A 190 6.66 -23.87 -3.42
N GLY A 191 7.58 -24.84 -3.46
CA GLY A 191 8.79 -24.66 -4.24
C GLY A 191 9.67 -23.54 -3.76
N PHE A 192 10.46 -22.97 -4.67
CA PHE A 192 11.38 -21.91 -4.31
C PHE A 192 10.83 -20.54 -4.68
N PRO A 193 11.37 -19.48 -4.06
CA PRO A 193 10.89 -18.14 -4.37
C PRO A 193 11.24 -17.76 -5.83
N ASN A 194 10.39 -16.95 -6.46
CA ASN A 194 10.62 -16.51 -7.84
C ASN A 194 11.17 -15.10 -7.95
N ASN A 195 11.20 -14.38 -6.84
CA ASN A 195 11.65 -13.00 -6.89
C ASN A 195 13.02 -12.63 -6.34
N TYR A 196 13.95 -13.58 -6.26
CA TYR A 196 15.29 -13.23 -5.82
C TYR A 196 16.12 -13.05 -7.10
N TRP A 197 16.14 -11.82 -7.61
CA TRP A 197 16.88 -11.50 -8.83
C TRP A 197 18.27 -11.08 -8.44
N GLY A 198 19.28 -11.67 -9.09
CA GLY A 198 20.64 -11.33 -8.73
C GLY A 198 21.10 -12.23 -7.58
N TRP A 199 22.37 -12.13 -7.25
CA TRP A 199 22.98 -12.98 -6.24
C TRP A 199 22.54 -12.82 -4.79
N GLY A 200 22.46 -13.96 -4.11
CA GLY A 200 22.18 -13.98 -2.69
C GLY A 200 20.80 -14.09 -2.10
N GLY A 201 20.75 -14.74 -0.93
CA GLY A 201 19.53 -14.88 -0.16
C GLY A 201 18.50 -15.93 -0.51
N GLU A 202 18.41 -16.34 -1.76
CA GLU A 202 17.38 -17.30 -2.12
C GLU A 202 17.56 -18.63 -1.42
N ASP A 203 18.80 -19.01 -1.13
CA ASP A 203 19.04 -20.29 -0.44
C ASP A 203 18.64 -20.15 1.04
N ASP A 204 18.79 -18.96 1.60
CA ASP A 204 18.38 -18.72 2.98
C ASP A 204 16.87 -18.71 3.05
N ASP A 205 16.23 -18.20 2.00
CA ASP A 205 14.77 -18.16 1.96
C ASP A 205 14.26 -19.59 1.93
N ILE A 206 14.93 -20.44 1.16
CA ILE A 206 14.51 -21.83 1.05
C ILE A 206 14.66 -22.52 2.41
N PHE A 207 15.77 -22.26 3.08
CA PHE A 207 15.98 -22.84 4.42
C PHE A 207 14.78 -22.41 5.27
N ASN A 208 14.46 -21.10 5.26
CA ASN A 208 13.32 -20.64 6.06
C ASN A 208 12.04 -21.39 5.71
N ARG A 209 11.77 -21.57 4.42
CA ARG A 209 10.56 -22.28 4.00
C ARG A 209 10.48 -23.66 4.63
N LEU A 210 11.58 -24.39 4.59
CA LEU A 210 11.58 -25.72 5.15
C LEU A 210 11.28 -25.69 6.66
N VAL A 211 11.92 -24.78 7.38
CA VAL A 211 11.69 -24.66 8.81
C VAL A 211 10.24 -24.27 9.11
N PHE A 212 9.70 -23.33 8.33
CA PHE A 212 8.32 -22.88 8.52
C PHE A 212 7.32 -23.97 8.17
N ARG A 213 7.78 -25.06 7.57
CA ARG A 213 6.88 -26.16 7.25
C ARG A 213 7.19 -27.40 8.11
N GLY A 214 7.85 -27.17 9.24
CA GLY A 214 8.15 -28.24 10.19
C GLY A 214 9.26 -29.24 9.88
N MET A 215 10.13 -28.92 8.91
CA MET A 215 11.21 -29.84 8.56
C MET A 215 12.54 -29.39 9.15
N SER A 216 13.55 -30.26 9.09
CA SER A 216 14.88 -29.90 9.58
C SER A 216 15.87 -30.41 8.53
N ILE A 217 17.06 -29.86 8.50
CA ILE A 217 18.03 -30.23 7.48
C ILE A 217 18.84 -31.47 7.84
N SER A 218 18.91 -32.42 6.91
CA SER A 218 19.67 -33.65 7.06
C SER A 218 21.00 -33.43 6.32
N ARG A 219 22.10 -33.91 6.90
CA ARG A 219 23.41 -33.72 6.28
C ARG A 219 24.38 -34.87 6.49
N PRO A 220 25.26 -35.11 5.51
CA PRO A 220 26.25 -36.20 5.69
C PRO A 220 27.30 -35.57 6.60
N ASN A 221 28.23 -36.36 7.14
CA ASN A 221 29.27 -35.75 7.99
C ASN A 221 30.20 -34.92 7.13
N ALA A 222 31.00 -34.06 7.75
CA ALA A 222 31.89 -33.14 7.05
C ALA A 222 32.92 -33.78 6.14
N VAL A 223 33.37 -34.99 6.47
CA VAL A 223 34.37 -35.64 5.63
C VAL A 223 33.71 -36.14 4.34
N VAL A 224 32.63 -36.90 4.50
CA VAL A 224 31.89 -37.42 3.36
C VAL A 224 31.33 -36.27 2.50
N GLY A 225 30.99 -35.17 3.15
CA GLY A 225 30.43 -34.04 2.42
C GLY A 225 31.41 -33.06 1.82
N THR A 226 32.69 -33.41 1.84
CA THR A 226 33.71 -32.54 1.28
C THR A 226 33.37 -32.29 -0.18
N THR A 227 33.43 -31.03 -0.59
CA THR A 227 33.08 -30.62 -1.94
C THR A 227 34.04 -29.57 -2.49
N ARG A 228 34.34 -29.66 -3.78
CA ARG A 228 35.22 -28.68 -4.39
C ARG A 228 34.43 -27.67 -5.23
N HIS A 229 34.80 -26.40 -5.13
CA HIS A 229 34.16 -25.37 -5.91
C HIS A 229 35.17 -24.94 -6.98
N ILE A 230 34.74 -24.88 -8.24
CA ILE A 230 35.65 -24.48 -9.31
C ILE A 230 35.84 -22.96 -9.18
N ARG A 231 37.02 -22.54 -8.74
CA ARG A 231 37.27 -21.11 -8.57
C ARG A 231 36.92 -20.36 -9.85
N HIS A 232 36.15 -19.28 -9.73
CA HIS A 232 35.74 -18.49 -10.88
C HIS A 232 35.56 -17.02 -10.53
N SER A 233 35.54 -16.16 -11.55
CA SER A 233 35.34 -14.73 -11.30
C SER A 233 33.86 -14.42 -11.33
N ARG A 234 33.50 -13.20 -10.97
CA ARG A 234 32.10 -12.80 -10.94
C ARG A 234 31.49 -12.79 -12.34
N ASP A 235 30.29 -13.35 -12.47
CA ASP A 235 29.60 -13.35 -13.75
C ASP A 235 28.94 -11.98 -13.82
N LYS A 236 28.68 -11.51 -15.03
CA LYS A 236 28.01 -10.23 -15.17
C LYS A 236 26.53 -10.58 -15.07
N LYS A 237 25.70 -9.60 -14.72
CA LYS A 237 24.25 -9.78 -14.64
C LYS A 237 23.71 -10.64 -13.49
N ASN A 238 24.47 -10.74 -12.40
CA ASN A 238 24.03 -11.48 -11.22
C ASN A 238 24.62 -10.77 -10.02
N GLU A 239 24.48 -9.45 -10.02
CA GLU A 239 24.99 -8.61 -8.96
C GLU A 239 24.20 -8.85 -7.67
N PRO A 240 24.89 -8.75 -6.51
CA PRO A 240 24.23 -8.96 -5.22
C PRO A 240 22.92 -8.18 -5.12
N ASN A 241 21.86 -8.89 -4.77
CA ASN A 241 20.53 -8.31 -4.63
C ASN A 241 20.45 -7.49 -3.34
N PRO A 242 20.31 -6.16 -3.46
CA PRO A 242 20.23 -5.31 -2.26
C PRO A 242 18.99 -5.57 -1.39
N GLN A 243 17.95 -6.13 -1.98
CA GLN A 243 16.71 -6.40 -1.23
C GLN A 243 16.72 -7.77 -0.54
N ARG A 244 17.77 -8.55 -0.74
CA ARG A 244 17.81 -9.90 -0.16
C ARG A 244 17.60 -10.00 1.34
N PHE A 245 18.20 -9.09 2.11
CA PHE A 245 18.03 -9.15 3.56
C PHE A 245 16.61 -8.89 4.00
N ASP A 246 15.90 -8.02 3.29
CA ASP A 246 14.52 -7.74 3.62
C ASP A 246 13.64 -8.90 3.19
N ARG A 247 13.95 -9.50 2.05
CA ARG A 247 13.12 -10.61 1.58
C ARG A 247 13.20 -11.85 2.47
N ILE A 248 14.39 -12.22 2.93
CA ILE A 248 14.47 -13.42 3.77
C ILE A 248 13.81 -13.21 5.13
N ALA A 249 13.54 -11.96 5.48
CA ALA A 249 12.91 -11.68 6.75
C ALA A 249 11.40 -11.86 6.69
N HIS A 250 10.85 -11.99 5.48
CA HIS A 250 9.40 -12.17 5.35
C HIS A 250 8.98 -13.46 4.68
N THR A 251 9.90 -14.41 4.57
CA THR A 251 9.59 -15.69 3.93
C THR A 251 8.29 -16.35 4.37
N LYS A 252 8.06 -16.43 5.68
CA LYS A 252 6.85 -17.07 6.17
C LYS A 252 5.60 -16.55 5.49
N GLU A 253 5.53 -15.26 5.31
CA GLU A 253 4.36 -14.69 4.66
C GLU A 253 4.42 -14.82 3.12
N THR A 254 5.56 -14.47 2.53
CA THR A 254 5.65 -14.52 1.07
C THR A 254 5.63 -15.89 0.43
N MET A 255 6.06 -16.93 1.15
CA MET A 255 6.06 -18.28 0.56
C MET A 255 4.65 -18.77 0.31
N LEU A 256 3.66 -18.15 0.95
CA LEU A 256 2.28 -18.55 0.73
C LEU A 256 1.82 -18.30 -0.72
N SER A 257 2.32 -17.22 -1.30
CA SER A 257 1.87 -16.88 -2.65
C SER A 257 2.97 -16.64 -3.68
N ASP A 258 4.24 -16.89 -3.32
CA ASP A 258 5.32 -16.72 -4.27
C ASP A 258 6.10 -18.03 -4.36
N GLY A 259 6.01 -18.70 -5.51
CA GLY A 259 6.71 -19.97 -5.69
C GLY A 259 6.08 -20.71 -6.84
N LEU A 260 5.85 -22.01 -6.68
CA LEU A 260 5.23 -22.80 -7.73
C LEU A 260 3.86 -22.26 -8.08
N ASN A 261 3.11 -21.82 -7.07
CA ASN A 261 1.78 -21.32 -7.34
C ASN A 261 1.69 -19.91 -7.94
N SER A 262 2.83 -19.33 -8.31
CA SER A 262 2.82 -18.00 -8.93
C SER A 262 3.83 -18.01 -10.08
N LEU A 263 4.19 -19.21 -10.52
CA LEU A 263 5.19 -19.39 -11.58
C LEU A 263 4.68 -19.41 -13.02
N THR A 264 5.34 -18.65 -13.90
CA THR A 264 5.07 -18.74 -15.34
C THR A 264 6.42 -18.54 -16.00
N TYR A 265 6.57 -19.10 -17.20
CA TYR A 265 7.80 -18.99 -17.97
C TYR A 265 7.51 -19.51 -19.36
N GLN A 266 8.43 -19.29 -20.29
CA GLN A 266 8.20 -19.80 -21.63
C GLN A 266 9.44 -20.57 -22.09
N VAL A 267 9.29 -21.86 -22.31
CA VAL A 267 10.43 -22.64 -22.78
C VAL A 267 10.65 -22.25 -24.24
N LEU A 268 11.88 -21.91 -24.59
CA LEU A 268 12.21 -21.54 -25.98
C LEU A 268 12.79 -22.72 -26.74
N ASP A 269 13.46 -23.61 -26.02
CA ASP A 269 14.08 -24.77 -26.68
C ASP A 269 14.44 -25.90 -25.71
N VAL A 270 14.35 -27.13 -26.19
CA VAL A 270 14.71 -28.31 -25.40
C VAL A 270 15.68 -29.11 -26.28
N GLN A 271 16.91 -29.30 -25.79
CA GLN A 271 17.94 -30.04 -26.51
C GLN A 271 18.31 -31.29 -25.74
N ARG A 272 18.25 -32.45 -26.39
CA ARG A 272 18.64 -33.69 -25.74
C ARG A 272 20.07 -34.01 -26.15
N TYR A 273 21.04 -33.66 -25.31
CA TYR A 273 22.43 -33.97 -25.61
C TYR A 273 22.69 -35.34 -25.02
N PRO A 274 23.78 -36.01 -25.46
CA PRO A 274 24.04 -37.34 -24.90
C PRO A 274 24.15 -37.39 -23.38
N LEU A 275 24.76 -36.37 -22.78
CA LEU A 275 24.97 -36.34 -21.33
C LEU A 275 24.00 -35.50 -20.48
N TYR A 276 23.10 -34.78 -21.14
CA TYR A 276 22.14 -33.96 -20.41
C TYR A 276 21.07 -33.38 -21.31
N THR A 277 20.00 -32.90 -20.70
CA THR A 277 18.91 -32.26 -21.40
C THR A 277 19.04 -30.80 -21.06
N GLN A 278 19.05 -29.93 -22.06
CA GLN A 278 19.16 -28.50 -21.78
C GLN A 278 17.86 -27.78 -22.14
N ILE A 279 17.26 -27.13 -21.15
CA ILE A 279 16.03 -26.41 -21.36
C ILE A 279 16.35 -24.94 -21.34
N THR A 280 16.21 -24.30 -22.50
CA THR A 280 16.48 -22.87 -22.61
C THR A 280 15.13 -22.21 -22.36
N VAL A 281 15.10 -21.35 -21.36
CA VAL A 281 13.85 -20.73 -20.95
C VAL A 281 13.91 -19.24 -20.71
N ASP A 282 12.79 -18.57 -21.05
CA ASP A 282 12.66 -17.14 -20.85
C ASP A 282 11.90 -17.01 -19.54
N ILE A 283 12.57 -16.55 -18.49
CA ILE A 283 11.91 -16.40 -17.19
C ILE A 283 11.61 -14.92 -16.91
N GLY A 284 11.76 -14.09 -17.94
CA GLY A 284 11.46 -12.68 -17.81
C GLY A 284 12.38 -11.83 -16.96
N THR A 285 11.81 -10.74 -16.46
CA THR A 285 12.51 -9.77 -15.63
C THR A 285 11.59 -9.39 -14.47
N PRO A 286 12.12 -8.66 -13.47
CA PRO A 286 11.32 -8.27 -12.28
C PRO A 286 9.97 -7.62 -12.57
N SER A 287 8.97 -8.00 -11.82
CA SER A 287 7.63 -7.44 -11.97
C SER A 287 7.24 -6.75 -10.66
N SER B 15 -39.76 -16.33 7.98
CA SER B 15 -38.80 -16.26 9.12
C SER B 15 -38.01 -14.94 9.10
N LEU B 16 -36.70 -15.03 8.88
CA LEU B 16 -35.83 -13.86 8.83
C LEU B 16 -36.37 -12.81 7.87
N PRO B 17 -36.56 -11.57 8.33
CA PRO B 17 -37.08 -10.50 7.47
C PRO B 17 -36.03 -9.93 6.52
N ALA B 18 -36.49 -9.22 5.50
CA ALA B 18 -35.60 -8.59 4.55
C ALA B 18 -34.99 -7.38 5.26
N CYS B 19 -33.74 -7.06 4.94
CA CYS B 19 -33.10 -5.91 5.56
C CYS B 19 -33.79 -4.67 5.04
N PRO B 20 -33.70 -3.56 5.77
CA PRO B 20 -34.36 -2.36 5.26
C PRO B 20 -33.72 -1.98 3.92
N GLU B 21 -34.45 -1.26 3.08
CA GLU B 21 -33.95 -0.85 1.77
C GLU B 21 -32.61 -0.17 1.85
N GLU B 22 -32.46 0.76 2.80
CA GLU B 22 -31.18 1.40 2.99
C GLU B 22 -30.78 1.03 4.42
N SER B 23 -29.51 0.71 4.61
CA SER B 23 -29.05 0.32 5.93
C SER B 23 -29.18 1.45 6.94
N PRO B 24 -29.67 1.16 8.15
CA PRO B 24 -29.80 2.18 9.19
C PRO B 24 -28.50 2.32 9.97
N LEU B 25 -27.53 1.47 9.65
CA LEU B 25 -26.24 1.46 10.35
C LEU B 25 -25.17 2.41 9.84
N LEU B 26 -25.42 3.07 8.72
CA LEU B 26 -24.39 3.95 8.13
C LEU B 26 -24.01 5.19 8.93
N VAL B 27 -22.73 5.54 8.87
CA VAL B 27 -22.26 6.74 9.58
C VAL B 27 -21.92 7.89 8.64
N GLY B 28 -21.89 7.64 7.34
CA GLY B 28 -21.55 8.69 6.39
C GLY B 28 -20.05 8.92 6.24
N PRO B 29 -19.57 10.18 6.31
CA PRO B 29 -18.15 10.56 6.19
C PRO B 29 -17.24 9.86 7.18
N MET B 30 -16.14 9.29 6.73
CA MET B 30 -15.21 8.58 7.61
C MET B 30 -13.80 9.12 7.47
N LEU B 31 -12.96 8.86 8.47
CA LEU B 31 -11.58 9.32 8.45
C LEU B 31 -10.71 8.20 7.86
N ILE B 32 -10.07 8.47 6.72
CA ILE B 32 -9.24 7.47 6.05
C ILE B 32 -7.76 7.85 6.08
N GLU B 33 -6.92 6.95 6.60
CA GLU B 33 -5.48 7.20 6.70
C GLU B 33 -4.63 5.99 6.32
N PHE B 34 -3.49 6.24 5.71
CA PHE B 34 -2.59 5.18 5.27
C PHE B 34 -1.20 5.36 5.88
N ASN B 35 -1.11 5.91 7.08
CA ASN B 35 0.20 6.13 7.68
C ASN B 35 0.56 5.22 8.84
N MET B 36 -0.28 4.21 9.09
CA MET B 36 -0.03 3.28 10.18
C MET B 36 0.08 1.86 9.67
N PRO B 37 0.74 0.98 10.44
CA PRO B 37 0.86 -0.41 10.00
C PRO B 37 -0.48 -1.12 10.17
N VAL B 38 -0.68 -2.17 9.40
CA VAL B 38 -1.92 -2.94 9.48
C VAL B 38 -1.56 -4.38 9.67
N ASP B 39 -2.23 -5.00 10.64
CA ASP B 39 -2.01 -6.40 10.95
C ASP B 39 -3.33 -7.10 10.67
N LEU B 40 -3.36 -7.93 9.63
CA LEU B 40 -4.59 -8.64 9.26
C LEU B 40 -5.15 -9.58 10.33
N GLU B 41 -4.30 -10.07 11.23
CA GLU B 41 -4.80 -10.94 12.29
C GLU B 41 -5.67 -10.08 13.20
N LEU B 42 -5.24 -8.84 13.43
CA LEU B 42 -6.01 -7.90 14.26
C LEU B 42 -7.29 -7.48 13.52
N VAL B 43 -7.17 -7.25 12.21
CA VAL B 43 -8.33 -6.86 11.42
C VAL B 43 -9.38 -7.95 11.52
N ALA B 44 -8.94 -9.20 11.43
CA ALA B 44 -9.89 -10.31 11.52
C ALA B 44 -10.53 -10.31 12.91
N LYS B 45 -9.75 -10.04 13.95
CA LYS B 45 -10.33 -10.05 15.30
C LYS B 45 -11.32 -8.92 15.46
N GLN B 46 -11.13 -7.84 14.70
CA GLN B 46 -12.03 -6.70 14.78
C GLN B 46 -13.27 -6.90 13.89
N ASN B 47 -13.27 -7.95 13.08
CA ASN B 47 -14.39 -8.27 12.19
C ASN B 47 -14.70 -9.73 12.38
N PRO B 48 -15.09 -10.11 13.62
CA PRO B 48 -15.41 -11.50 13.97
C PRO B 48 -16.50 -12.19 13.16
N ASN B 49 -17.45 -11.42 12.61
CA ASN B 49 -18.52 -12.02 11.86
C ASN B 49 -18.17 -12.35 10.40
N VAL B 50 -16.98 -11.94 9.97
CA VAL B 50 -16.55 -12.25 8.61
C VAL B 50 -16.01 -13.67 8.66
N LYS B 51 -16.54 -14.53 7.81
CA LYS B 51 -16.14 -15.93 7.76
C LYS B 51 -15.01 -16.23 6.78
N MET B 52 -14.45 -17.43 6.90
CA MET B 52 -13.33 -17.86 6.06
C MET B 52 -13.57 -17.54 4.59
N GLY B 53 -12.53 -17.03 3.94
CA GLY B 53 -12.64 -16.67 2.55
C GLY B 53 -13.15 -15.25 2.38
N GLY B 54 -13.35 -14.54 3.50
CA GLY B 54 -13.85 -13.17 3.46
C GLY B 54 -15.31 -13.06 3.06
N ARG B 55 -16.15 -13.90 3.68
CA ARG B 55 -17.58 -13.94 3.39
C ARG B 55 -18.39 -13.45 4.57
N TYR B 56 -19.48 -12.74 4.27
CA TYR B 56 -20.35 -12.21 5.31
C TYR B 56 -21.76 -11.98 4.80
N ALA B 57 -22.73 -12.14 5.71
CA ALA B 57 -24.13 -11.85 5.42
C ALA B 57 -24.73 -11.48 6.78
N PRO B 58 -25.65 -10.51 6.81
CA PRO B 58 -26.23 -10.15 8.11
C PRO B 58 -26.92 -11.30 8.83
N ARG B 59 -26.79 -11.27 10.15
CA ARG B 59 -27.39 -12.28 11.00
C ARG B 59 -28.88 -11.99 11.28
N ASP B 60 -29.27 -10.72 11.25
CA ASP B 60 -30.65 -10.36 11.58
C ASP B 60 -31.64 -10.09 10.45
N CYS B 61 -31.19 -10.11 9.20
CA CYS B 61 -32.11 -9.85 8.09
C CYS B 61 -31.48 -10.33 6.80
N VAL B 62 -32.31 -10.54 5.79
CA VAL B 62 -31.84 -11.05 4.50
C VAL B 62 -31.52 -9.94 3.51
N SER B 63 -30.29 -9.94 3.02
CA SER B 63 -29.88 -8.93 2.04
C SER B 63 -30.22 -9.32 0.61
N PRO B 64 -30.78 -8.38 -0.16
CA PRO B 64 -31.12 -8.65 -1.55
C PRO B 64 -29.85 -8.49 -2.41
N HIS B 65 -28.79 -7.96 -1.80
CA HIS B 65 -27.55 -7.74 -2.52
C HIS B 65 -26.54 -8.87 -2.30
N LYS B 66 -26.39 -9.73 -3.30
CA LYS B 66 -25.44 -10.84 -3.24
C LYS B 66 -24.28 -10.39 -4.10
N VAL B 67 -23.26 -9.89 -3.41
CA VAL B 67 -22.13 -9.27 -4.06
C VAL B 67 -20.75 -9.91 -4.01
N ALA B 68 -20.13 -10.06 -5.18
CA ALA B 68 -18.76 -10.56 -5.21
C ALA B 68 -17.92 -9.32 -5.50
N ILE B 69 -16.94 -9.04 -4.63
CA ILE B 69 -16.07 -7.89 -4.84
C ILE B 69 -14.77 -8.47 -5.38
N ILE B 70 -14.42 -8.04 -6.59
CA ILE B 70 -13.26 -8.53 -7.33
C ILE B 70 -12.15 -7.52 -7.44
N ILE B 71 -10.95 -7.90 -6.99
CA ILE B 71 -9.81 -7.01 -7.02
C ILE B 71 -8.68 -7.59 -7.89
N PRO B 72 -8.27 -6.86 -8.94
CA PRO B 72 -7.19 -7.32 -9.83
C PRO B 72 -5.93 -7.10 -9.01
N PHE B 73 -5.00 -8.07 -9.05
CA PHE B 73 -3.86 -7.99 -8.15
C PHE B 73 -2.55 -8.66 -8.56
N ARG B 74 -1.45 -8.02 -8.17
CA ARG B 74 -0.10 -8.58 -8.25
C ARG B 74 0.84 -7.71 -7.45
N ASN B 75 1.50 -8.31 -6.46
CA ASN B 75 2.49 -7.58 -5.67
C ASN B 75 1.98 -6.29 -5.04
N ARG B 76 0.78 -6.32 -4.47
CA ARG B 76 0.21 -5.14 -3.81
C ARG B 76 -0.29 -5.49 -2.41
N GLN B 77 0.40 -6.39 -1.73
CA GLN B 77 -0.06 -6.82 -0.41
C GLN B 77 -0.26 -5.69 0.59
N GLU B 78 0.66 -4.73 0.64
CA GLU B 78 0.50 -3.63 1.60
C GLU B 78 -0.78 -2.84 1.34
N HIS B 79 -1.08 -2.58 0.07
CA HIS B 79 -2.30 -1.87 -0.25
C HIS B 79 -3.51 -2.69 0.14
N LEU B 80 -3.45 -3.99 -0.15
CA LEU B 80 -4.57 -4.86 0.16
C LEU B 80 -4.89 -4.85 1.65
N LYS B 81 -3.87 -4.75 2.49
CA LYS B 81 -4.13 -4.74 3.93
C LYS B 81 -4.96 -3.51 4.31
N TYR B 82 -4.64 -2.36 3.72
CA TYR B 82 -5.42 -1.15 3.99
C TYR B 82 -6.83 -1.35 3.44
N TRP B 83 -6.92 -1.91 2.24
CA TRP B 83 -8.23 -2.13 1.62
C TRP B 83 -9.13 -2.99 2.54
N LEU B 84 -8.59 -4.09 3.03
CA LEU B 84 -9.38 -4.98 3.89
C LEU B 84 -9.74 -4.30 5.21
N TYR B 85 -8.80 -3.55 5.77
CA TYR B 85 -9.01 -2.83 7.02
C TYR B 85 -10.17 -1.84 6.94
N TYR B 86 -10.24 -1.10 5.83
CA TYR B 86 -11.30 -0.13 5.65
C TYR B 86 -12.60 -0.68 5.08
N LEU B 87 -12.53 -1.52 4.06
CA LEU B 87 -13.75 -2.00 3.44
C LEU B 87 -14.56 -3.02 4.23
N HIS B 88 -13.92 -3.95 4.95
CA HIS B 88 -14.76 -4.90 5.67
C HIS B 88 -15.83 -4.28 6.59
N PRO B 89 -15.44 -3.28 7.41
CA PRO B 89 -16.44 -2.67 8.29
C PRO B 89 -17.55 -2.00 7.49
N VAL B 90 -17.18 -1.36 6.39
CA VAL B 90 -18.15 -0.66 5.54
C VAL B 90 -19.14 -1.62 4.89
N LEU B 91 -18.64 -2.68 4.29
CA LEU B 91 -19.51 -3.63 3.60
C LEU B 91 -20.50 -4.26 4.58
N GLN B 92 -20.05 -4.51 5.81
CA GLN B 92 -20.97 -5.09 6.80
C GLN B 92 -22.02 -4.05 7.21
N ARG B 93 -21.61 -2.79 7.38
CA ARG B 93 -22.60 -1.76 7.74
C ARG B 93 -23.63 -1.57 6.62
N GLN B 94 -23.23 -1.82 5.38
CA GLN B 94 -24.16 -1.71 4.26
C GLN B 94 -25.08 -2.93 4.15
N GLN B 95 -24.95 -3.85 5.10
CA GLN B 95 -25.80 -5.05 5.14
C GLN B 95 -25.83 -5.88 3.86
N LEU B 96 -24.66 -6.12 3.29
CA LEU B 96 -24.50 -6.89 2.07
C LEU B 96 -24.18 -8.35 2.36
N ASP B 97 -24.56 -9.25 1.45
CA ASP B 97 -24.24 -10.68 1.55
C ASP B 97 -23.09 -10.67 0.54
N TYR B 98 -21.85 -10.61 1.04
CA TYR B 98 -20.72 -10.46 0.13
C TYR B 98 -19.54 -11.39 0.34
N GLY B 99 -18.68 -11.42 -0.69
CA GLY B 99 -17.46 -12.21 -0.64
C GLY B 99 -16.34 -11.41 -1.31
N ILE B 100 -15.12 -11.51 -0.77
CA ILE B 100 -13.97 -10.79 -1.34
C ILE B 100 -13.07 -11.74 -2.13
N TYR B 101 -12.76 -11.34 -3.36
CA TYR B 101 -11.91 -12.14 -4.26
C TYR B 101 -10.74 -11.33 -4.81
N VAL B 102 -9.54 -11.79 -4.50
CA VAL B 102 -8.32 -11.14 -4.97
C VAL B 102 -7.82 -12.03 -6.10
N ILE B 103 -7.80 -11.50 -7.32
CA ILE B 103 -7.34 -12.25 -8.50
C ILE B 103 -5.89 -11.85 -8.74
N ASN B 104 -5.01 -12.73 -8.28
CA ASN B 104 -3.57 -12.57 -8.33
C ASN B 104 -2.99 -13.08 -9.65
N GLN B 105 -2.37 -12.17 -10.41
CA GLN B 105 -1.78 -12.58 -11.69
C GLN B 105 -0.46 -13.31 -11.46
N ALA B 106 -0.40 -14.55 -11.91
CA ALA B 106 0.82 -15.35 -11.77
C ALA B 106 1.92 -14.90 -12.75
N GLY B 107 3.17 -15.17 -12.40
CA GLY B 107 4.26 -14.82 -13.30
C GLY B 107 4.75 -13.39 -13.27
N ASP B 108 5.68 -13.09 -14.18
CA ASP B 108 6.30 -11.78 -14.25
C ASP B 108 6.16 -11.07 -15.59
N THR B 109 5.15 -11.43 -16.37
CA THR B 109 4.97 -10.76 -17.65
C THR B 109 3.94 -9.62 -17.52
N ILE B 110 3.75 -8.86 -18.59
CA ILE B 110 2.85 -7.72 -18.57
C ILE B 110 1.47 -7.95 -17.94
N PHE B 111 1.10 -7.01 -17.06
CA PHE B 111 -0.16 -7.06 -16.32
C PHE B 111 -1.38 -6.89 -17.26
N ASN B 112 -2.48 -7.54 -16.91
CA ASN B 112 -3.70 -7.44 -17.70
C ASN B 112 -4.89 -7.32 -16.75
N ARG B 113 -5.12 -6.09 -16.28
CA ARG B 113 -6.20 -5.82 -15.34
C ARG B 113 -7.59 -6.37 -15.68
N ALA B 114 -8.12 -6.03 -16.86
CA ALA B 114 -9.46 -6.48 -17.23
C ALA B 114 -9.63 -7.99 -17.31
N LYS B 115 -8.60 -8.69 -17.79
CA LYS B 115 -8.70 -10.13 -17.90
C LYS B 115 -8.79 -10.73 -16.49
N LEU B 116 -8.05 -10.18 -15.54
CA LEU B 116 -8.14 -10.69 -14.16
C LEU B 116 -9.55 -10.45 -13.63
N LEU B 117 -10.19 -9.35 -14.03
CA LEU B 117 -11.55 -9.09 -13.56
C LEU B 117 -12.50 -10.15 -14.14
N ASN B 118 -12.32 -10.51 -15.42
CA ASN B 118 -13.17 -11.55 -16.04
C ASN B 118 -13.00 -12.87 -15.27
N VAL B 119 -11.77 -13.20 -14.91
CA VAL B 119 -11.51 -14.42 -14.16
C VAL B 119 -12.29 -14.37 -12.84
N GLY B 120 -12.22 -13.24 -12.16
CA GLY B 120 -12.92 -13.09 -10.91
C GLY B 120 -14.41 -13.32 -11.03
N PHE B 121 -15.01 -12.80 -12.11
CA PHE B 121 -16.44 -12.97 -12.34
C PHE B 121 -16.75 -14.45 -12.48
N GLN B 122 -16.05 -15.12 -13.39
CA GLN B 122 -16.31 -16.54 -13.64
C GLN B 122 -16.03 -17.44 -12.42
N GLU B 123 -14.92 -17.19 -11.74
CA GLU B 123 -14.58 -18.01 -10.58
C GLU B 123 -15.46 -17.77 -9.35
N ALA B 124 -15.82 -16.51 -9.08
CA ALA B 124 -16.66 -16.22 -7.92
C ALA B 124 -17.98 -16.97 -8.04
N LEU B 125 -18.49 -17.06 -9.26
CA LEU B 125 -19.77 -17.73 -9.50
C LEU B 125 -19.74 -19.22 -9.14
N LYS B 126 -18.56 -19.83 -9.11
CA LYS B 126 -18.46 -21.26 -8.76
C LYS B 126 -18.66 -21.45 -7.26
N ASP B 127 -18.55 -20.35 -6.50
CA ASP B 127 -18.71 -20.38 -5.06
C ASP B 127 -20.13 -20.18 -4.57
N TYR B 128 -20.81 -19.22 -5.18
CA TYR B 128 -22.12 -18.82 -4.71
C TYR B 128 -22.87 -18.15 -5.86
N ASP B 129 -24.19 -18.10 -5.73
CA ASP B 129 -25.00 -17.48 -6.78
C ASP B 129 -25.03 -15.95 -6.63
N TYR B 130 -23.87 -15.32 -6.84
CA TYR B 130 -23.77 -13.87 -6.75
C TYR B 130 -24.55 -13.26 -7.92
N THR B 131 -25.21 -12.13 -7.69
CA THR B 131 -25.94 -11.47 -8.77
C THR B 131 -25.44 -10.05 -8.98
N CYS B 132 -24.39 -9.68 -8.25
CA CYS B 132 -23.81 -8.34 -8.38
C CYS B 132 -22.31 -8.45 -8.24
N PHE B 133 -21.60 -7.72 -9.09
CA PHE B 133 -20.15 -7.74 -9.07
C PHE B 133 -19.54 -6.35 -8.96
N VAL B 134 -18.77 -6.15 -7.90
CA VAL B 134 -18.07 -4.89 -7.71
C VAL B 134 -16.62 -5.14 -8.11
N PHE B 135 -16.12 -4.33 -9.04
CA PHE B 135 -14.73 -4.46 -9.49
C PHE B 135 -13.98 -3.27 -8.91
N SER B 136 -13.02 -3.54 -8.02
CA SER B 136 -12.28 -2.47 -7.37
C SER B 136 -10.77 -2.60 -7.42
N ASP B 137 -10.11 -1.51 -7.79
CA ASP B 137 -8.66 -1.55 -7.74
C ASP B 137 -8.33 -1.71 -6.27
N VAL B 138 -7.13 -2.21 -5.98
CA VAL B 138 -6.74 -2.52 -4.60
C VAL B 138 -6.37 -1.30 -3.74
N ASP B 139 -6.14 -0.17 -4.39
CA ASP B 139 -5.69 1.03 -3.70
C ASP B 139 -6.71 2.17 -3.61
N LEU B 140 -7.99 1.82 -3.75
CA LEU B 140 -9.05 2.82 -3.66
C LEU B 140 -9.95 2.53 -2.47
N ILE B 141 -10.09 3.53 -1.60
CA ILE B 141 -10.88 3.40 -0.39
C ILE B 141 -11.97 4.47 -0.36
N PRO B 142 -13.24 4.06 -0.21
CA PRO B 142 -14.34 5.04 -0.17
C PRO B 142 -14.29 5.84 1.14
N MET B 143 -14.61 7.14 1.09
CA MET B 143 -14.55 7.97 2.29
C MET B 143 -15.92 8.17 2.95
N ASN B 144 -16.98 7.69 2.31
CA ASN B 144 -18.32 7.85 2.85
C ASN B 144 -19.10 6.55 2.63
N ASP B 145 -19.54 5.92 3.72
CA ASP B 145 -20.25 4.64 3.59
C ASP B 145 -21.65 4.70 2.99
N HIS B 146 -22.11 5.90 2.63
CA HIS B 146 -23.39 6.03 1.93
C HIS B 146 -23.12 5.69 0.45
N ASN B 147 -21.85 5.48 0.08
CA ASN B 147 -21.49 5.14 -1.31
C ASN B 147 -21.68 3.62 -1.39
N ALA B 148 -22.82 3.20 -1.92
CA ALA B 148 -23.17 1.78 -1.95
C ALA B 148 -22.32 0.86 -2.82
N TYR B 149 -21.75 -0.16 -2.19
CA TYR B 149 -20.95 -1.13 -2.94
C TYR B 149 -21.86 -2.27 -3.41
N ARG B 150 -22.88 -1.92 -4.20
CA ARG B 150 -23.76 -2.94 -4.76
C ARG B 150 -24.32 -2.43 -6.09
N CYS B 151 -25.17 -3.24 -6.70
CA CYS B 151 -25.70 -2.93 -8.02
C CYS B 151 -26.99 -2.13 -8.12
N PHE B 152 -27.15 -1.48 -9.27
CA PHE B 152 -28.30 -0.63 -9.55
C PHE B 152 -28.96 -1.04 -10.87
N SER B 153 -30.07 -0.38 -11.23
CA SER B 153 -30.77 -0.75 -12.45
C SER B 153 -29.90 -0.46 -13.68
N GLN B 154 -28.90 0.38 -13.52
CA GLN B 154 -27.96 0.71 -14.58
C GLN B 154 -26.55 0.51 -14.01
N PRO B 155 -25.55 0.24 -14.87
CA PRO B 155 -24.17 0.05 -14.38
C PRO B 155 -23.78 1.22 -13.50
N ARG B 156 -23.15 0.92 -12.36
CA ARG B 156 -22.79 1.91 -11.36
C ARG B 156 -21.30 2.26 -11.27
N HIS B 157 -20.96 3.55 -11.38
CA HIS B 157 -19.57 3.98 -11.23
C HIS B 157 -19.50 4.45 -9.77
N ILE B 158 -18.63 3.83 -8.99
CA ILE B 158 -18.53 4.10 -7.55
C ILE B 158 -17.48 5.12 -7.11
N SER B 159 -16.26 5.03 -7.65
CA SER B 159 -15.20 5.93 -7.23
C SER B 159 -15.28 7.19 -8.09
N VAL B 160 -16.33 7.98 -7.89
CA VAL B 160 -16.54 9.16 -8.72
C VAL B 160 -15.78 10.43 -8.38
N ALA B 161 -15.30 10.55 -7.15
CA ALA B 161 -14.58 11.76 -6.74
C ALA B 161 -13.30 11.39 -6.00
N MET B 162 -12.34 10.88 -6.75
CA MET B 162 -11.07 10.45 -6.20
C MET B 162 -10.17 11.65 -5.91
N ASP B 163 -9.48 11.59 -4.79
CA ASP B 163 -8.58 12.69 -4.44
C ASP B 163 -7.52 12.96 -5.51
N LYS B 164 -7.01 11.91 -6.14
CA LYS B 164 -5.97 12.12 -7.16
C LYS B 164 -6.46 12.81 -8.42
N PHE B 165 -7.79 12.95 -8.54
CA PHE B 165 -8.38 13.64 -9.68
C PHE B 165 -9.05 14.93 -9.20
N GLY B 166 -8.62 15.42 -8.04
CA GLY B 166 -9.18 16.66 -7.50
C GLY B 166 -10.60 16.54 -6.99
N PHE B 167 -10.94 15.35 -6.50
CA PHE B 167 -12.28 15.06 -5.98
C PHE B 167 -13.40 15.25 -6.99
N SER B 168 -13.14 14.85 -8.22
CA SER B 168 -14.14 14.91 -9.28
C SER B 168 -13.76 13.89 -10.35
N LEU B 169 -14.57 13.78 -11.41
CA LEU B 169 -14.23 12.85 -12.47
C LEU B 169 -13.15 13.50 -13.35
N PRO B 170 -12.17 12.70 -13.80
CA PRO B 170 -11.10 13.27 -14.65
C PRO B 170 -11.69 13.68 -16.01
N TYR B 171 -12.74 12.97 -16.43
CA TYR B 171 -13.48 13.29 -17.68
C TYR B 171 -14.83 12.63 -17.45
N VAL B 172 -15.90 13.13 -18.08
CA VAL B 172 -17.22 12.58 -17.79
C VAL B 172 -17.52 11.14 -18.14
N GLN B 173 -16.77 10.57 -19.09
CA GLN B 173 -17.02 9.18 -19.45
C GLN B 173 -16.07 8.23 -18.68
N TYR B 174 -15.38 8.78 -17.69
CA TYR B 174 -14.45 7.95 -16.90
C TYR B 174 -15.23 6.88 -16.12
N PHE B 175 -14.80 5.62 -16.24
CA PHE B 175 -15.49 4.52 -15.57
C PHE B 175 -14.48 3.62 -14.84
N GLY B 176 -13.31 4.16 -14.53
CA GLY B 176 -12.32 3.34 -13.88
C GLY B 176 -12.35 3.39 -12.35
N GLY B 177 -11.45 2.64 -11.73
CA GLY B 177 -11.35 2.65 -10.29
C GLY B 177 -12.22 1.61 -9.62
N VAL B 178 -13.44 1.99 -9.31
CA VAL B 178 -14.38 1.09 -8.66
C VAL B 178 -15.74 1.21 -9.34
N SER B 179 -16.31 0.06 -9.72
CA SER B 179 -17.61 0.03 -10.37
C SER B 179 -18.37 -1.24 -9.99
N ALA B 180 -19.68 -1.22 -10.23
CA ALA B 180 -20.52 -2.38 -9.94
C ALA B 180 -21.45 -2.68 -11.11
N LEU B 181 -21.45 -3.93 -11.56
CA LEU B 181 -22.34 -4.35 -12.64
C LEU B 181 -23.11 -5.58 -12.14
N SER B 182 -24.40 -5.62 -12.42
CA SER B 182 -25.20 -6.78 -12.04
C SER B 182 -24.73 -7.92 -12.95
N LYS B 183 -25.11 -9.15 -12.62
CA LYS B 183 -24.74 -10.28 -13.45
C LYS B 183 -25.25 -10.04 -14.88
N GLN B 184 -26.51 -9.62 -14.99
CA GLN B 184 -27.09 -9.39 -16.31
C GLN B 184 -26.36 -8.29 -17.10
N GLN B 185 -25.99 -7.19 -16.43
CA GLN B 185 -25.28 -6.14 -17.13
C GLN B 185 -23.95 -6.64 -17.68
N PHE B 186 -23.23 -7.42 -16.87
CA PHE B 186 -21.94 -7.95 -17.27
C PHE B 186 -22.11 -8.91 -18.45
N LEU B 187 -23.07 -9.82 -18.34
CA LEU B 187 -23.27 -10.78 -19.42
C LEU B 187 -23.69 -10.10 -20.73
N THR B 188 -24.49 -9.05 -20.63
CA THR B 188 -24.97 -8.32 -21.81
C THR B 188 -23.85 -7.74 -22.67
N ILE B 189 -22.74 -7.33 -22.06
CA ILE B 189 -21.62 -6.77 -22.80
C ILE B 189 -20.51 -7.79 -23.10
N ASN B 190 -20.80 -9.07 -22.89
CA ASN B 190 -19.81 -10.14 -23.11
C ASN B 190 -18.61 -9.91 -22.20
N GLY B 191 -18.89 -9.46 -20.98
CA GLY B 191 -17.83 -9.22 -20.02
C GLY B 191 -16.86 -8.15 -20.49
N PHE B 192 -15.64 -8.20 -19.98
CA PHE B 192 -14.62 -7.21 -20.31
C PHE B 192 -13.65 -7.72 -21.38
N PRO B 193 -12.91 -6.79 -22.03
CA PRO B 193 -11.95 -7.18 -23.06
C PRO B 193 -10.79 -7.98 -22.43
N ASN B 194 -10.21 -8.90 -23.22
CA ASN B 194 -9.09 -9.71 -22.74
C ASN B 194 -7.74 -9.30 -23.35
N ASN B 195 -7.78 -8.37 -24.32
CA ASN B 195 -6.54 -7.96 -24.99
C ASN B 195 -5.94 -6.60 -24.66
N TYR B 196 -6.27 -6.07 -23.48
CA TYR B 196 -5.65 -4.81 -23.08
C TYR B 196 -4.51 -5.19 -22.15
N TRP B 197 -3.29 -5.17 -22.68
CA TRP B 197 -2.10 -5.52 -21.91
C TRP B 197 -1.37 -4.26 -21.51
N GLY B 198 -1.03 -4.12 -20.24
CA GLY B 198 -0.37 -2.91 -19.79
C GLY B 198 -1.43 -1.89 -19.39
N TRP B 199 -0.99 -0.76 -18.88
CA TRP B 199 -1.87 0.29 -18.37
C TRP B 199 -2.67 1.07 -19.41
N GLY B 200 -3.92 1.38 -19.05
CA GLY B 200 -4.75 2.23 -19.88
C GLY B 200 -5.79 1.72 -20.84
N GLY B 201 -6.90 2.46 -20.90
CA GLY B 201 -7.99 2.19 -21.81
C GLY B 201 -8.97 1.05 -21.63
N GLU B 202 -8.64 0.04 -20.84
CA GLU B 202 -9.56 -1.08 -20.69
C GLU B 202 -10.85 -0.61 -20.01
N ASP B 203 -10.74 0.37 -19.13
CA ASP B 203 -11.93 0.89 -18.46
C ASP B 203 -12.79 1.69 -19.43
N ASP B 204 -12.14 2.38 -20.37
CA ASP B 204 -12.89 3.15 -21.39
C ASP B 204 -13.59 2.17 -22.33
N ASP B 205 -12.94 1.05 -22.61
CA ASP B 205 -13.53 0.02 -23.48
C ASP B 205 -14.82 -0.49 -22.84
N ILE B 206 -14.78 -0.73 -21.53
CA ILE B 206 -15.94 -1.22 -20.80
C ILE B 206 -17.04 -0.16 -20.83
N PHE B 207 -16.68 1.08 -20.65
CA PHE B 207 -17.69 2.14 -20.73
C PHE B 207 -18.34 2.05 -22.13
N ASN B 208 -17.52 1.97 -23.18
CA ASN B 208 -18.05 1.89 -24.54
C ASN B 208 -18.99 0.69 -24.72
N ARG B 209 -18.61 -0.46 -24.18
CA ARG B 209 -19.46 -1.66 -24.29
C ARG B 209 -20.83 -1.42 -23.67
N LEU B 210 -20.84 -0.83 -22.48
CA LEU B 210 -22.10 -0.56 -21.80
C LEU B 210 -23.00 0.35 -22.62
N VAL B 211 -22.42 1.43 -23.15
CA VAL B 211 -23.20 2.38 -23.95
C VAL B 211 -23.67 1.75 -25.25
N PHE B 212 -22.83 0.92 -25.86
CA PHE B 212 -23.22 0.27 -27.11
C PHE B 212 -24.36 -0.70 -26.88
N ARG B 213 -24.54 -1.14 -25.63
CA ARG B 213 -25.62 -2.06 -25.33
C ARG B 213 -26.83 -1.33 -24.71
N GLY B 214 -26.88 -0.01 -24.91
CA GLY B 214 -28.01 0.79 -24.45
C GLY B 214 -28.13 1.22 -23.02
N MET B 215 -27.05 1.09 -22.25
CA MET B 215 -27.10 1.47 -20.83
C MET B 215 -26.50 2.85 -20.58
N SER B 216 -26.76 3.39 -19.40
CA SER B 216 -26.21 4.68 -19.02
C SER B 216 -25.48 4.45 -17.70
N ILE B 217 -24.58 5.33 -17.33
CA ILE B 217 -23.84 5.17 -16.09
C ILE B 217 -24.54 5.85 -14.91
N SER B 218 -24.73 5.11 -13.83
CA SER B 218 -25.35 5.65 -12.62
C SER B 218 -24.21 5.99 -11.66
N ARG B 219 -24.33 7.12 -10.96
CA ARG B 219 -23.30 7.56 -10.00
C ARG B 219 -23.85 8.25 -8.75
N PRO B 220 -23.17 8.09 -7.60
CA PRO B 220 -23.62 8.77 -6.37
C PRO B 220 -23.13 10.23 -6.58
N ASN B 221 -23.54 11.17 -5.73
CA ASN B 221 -23.06 12.54 -5.92
C ASN B 221 -21.58 12.62 -5.52
N ALA B 222 -20.94 13.72 -5.92
CA ALA B 222 -19.52 13.92 -5.68
C ALA B 222 -19.08 13.85 -4.22
N VAL B 223 -19.93 14.29 -3.30
CA VAL B 223 -19.55 14.24 -1.89
C VAL B 223 -19.60 12.80 -1.37
N VAL B 224 -20.71 12.12 -1.62
CA VAL B 224 -20.84 10.75 -1.18
C VAL B 224 -19.80 9.87 -1.91
N GLY B 225 -19.43 10.25 -3.13
CA GLY B 225 -18.48 9.43 -3.87
C GLY B 225 -17.00 9.71 -3.67
N THR B 226 -16.67 10.53 -2.68
CA THR B 226 -15.30 10.85 -2.39
C THR B 226 -14.51 9.58 -2.08
N THR B 227 -13.38 9.43 -2.74
CA THR B 227 -12.56 8.23 -2.59
C THR B 227 -11.08 8.56 -2.48
N ARG B 228 -10.36 7.84 -1.62
CA ARG B 228 -8.93 8.07 -1.47
C ARG B 228 -8.14 7.02 -2.24
N HIS B 229 -7.08 7.46 -2.91
CA HIS B 229 -6.18 6.58 -3.64
C HIS B 229 -4.89 6.50 -2.82
N ILE B 230 -4.40 5.29 -2.56
CA ILE B 230 -3.16 5.18 -1.80
C ILE B 230 -2.01 5.53 -2.74
N ARG B 231 -1.39 6.69 -2.52
CA ARG B 231 -0.28 7.15 -3.38
C ARG B 231 0.76 6.05 -3.52
N HIS B 232 1.20 5.80 -4.74
CA HIS B 232 2.20 4.76 -4.97
C HIS B 232 3.01 5.09 -6.22
N SER B 233 4.22 4.55 -6.30
CA SER B 233 5.06 4.77 -7.47
C SER B 233 4.61 3.76 -8.52
N ARG B 234 5.04 3.94 -9.77
CA ARG B 234 4.63 3.03 -10.84
C ARG B 234 5.12 1.59 -10.64
N ASP B 235 4.28 0.62 -10.98
CA ASP B 235 4.68 -0.77 -10.85
C ASP B 235 5.43 -1.11 -12.13
N LYS B 236 6.26 -2.14 -12.06
CA LYS B 236 6.96 -2.59 -13.24
C LYS B 236 5.92 -3.47 -13.93
N LYS B 237 6.14 -3.74 -15.20
CA LYS B 237 5.29 -4.60 -15.98
C LYS B 237 3.83 -4.20 -16.19
N ASN B 238 3.55 -2.90 -16.14
CA ASN B 238 2.20 -2.43 -16.44
C ASN B 238 2.36 -1.11 -17.18
N GLU B 239 3.38 -1.03 -18.02
CA GLU B 239 3.67 0.20 -18.77
C GLU B 239 2.47 0.57 -19.68
N PRO B 240 2.21 1.88 -19.82
CA PRO B 240 1.10 2.35 -20.67
C PRO B 240 1.08 1.63 -22.02
N ASN B 241 -0.09 1.10 -22.38
CA ASN B 241 -0.28 0.35 -23.62
C ASN B 241 -0.34 1.30 -24.82
N PRO B 242 0.65 1.24 -25.72
CA PRO B 242 0.64 2.12 -26.90
C PRO B 242 -0.54 1.89 -27.81
N GLN B 243 -1.11 0.68 -27.77
CA GLN B 243 -2.23 0.36 -28.64
C GLN B 243 -3.60 0.70 -28.05
N ARG B 244 -3.64 1.22 -26.84
CA ARG B 244 -4.93 1.49 -26.19
C ARG B 244 -5.91 2.39 -26.93
N PHE B 245 -5.40 3.46 -27.54
CA PHE B 245 -6.27 4.39 -28.26
C PHE B 245 -6.90 3.72 -29.46
N ASP B 246 -6.14 2.88 -30.15
CA ASP B 246 -6.67 2.17 -31.29
C ASP B 246 -7.71 1.15 -30.82
N ARG B 247 -7.42 0.45 -29.73
CA ARG B 247 -8.38 -0.53 -29.24
C ARG B 247 -9.70 0.06 -28.75
N ILE B 248 -9.67 1.16 -28.03
CA ILE B 248 -10.95 1.69 -27.55
C ILE B 248 -11.78 2.27 -28.72
N ALA B 249 -11.11 2.56 -29.83
CA ALA B 249 -11.81 3.08 -30.99
C ALA B 249 -12.54 1.99 -31.75
N HIS B 250 -12.27 0.72 -31.44
CA HIS B 250 -12.92 -0.40 -32.11
C HIS B 250 -13.72 -1.30 -31.18
N THR B 251 -14.07 -0.79 -30.02
CA THR B 251 -14.83 -1.59 -29.07
C THR B 251 -16.09 -2.23 -29.66
N LYS B 252 -16.87 -1.46 -30.42
CA LYS B 252 -18.10 -1.99 -30.99
C LYS B 252 -17.83 -3.23 -31.83
N GLU B 253 -16.75 -3.18 -32.61
CA GLU B 253 -16.39 -4.27 -33.50
C GLU B 253 -15.77 -5.49 -32.82
N THR B 254 -15.09 -5.29 -31.70
CA THR B 254 -14.42 -6.40 -31.03
C THR B 254 -15.16 -7.01 -29.84
N MET B 255 -16.05 -6.25 -29.20
CA MET B 255 -16.74 -6.76 -28.02
C MET B 255 -17.54 -8.04 -28.21
N LEU B 256 -18.09 -8.27 -29.39
CA LEU B 256 -18.89 -9.46 -29.60
C LEU B 256 -18.07 -10.76 -29.62
N SER B 257 -16.80 -10.67 -30.01
CA SER B 257 -15.96 -11.86 -30.09
C SER B 257 -14.80 -11.87 -29.12
N ASP B 258 -14.69 -10.81 -28.33
CA ASP B 258 -13.60 -10.73 -27.36
C ASP B 258 -14.15 -10.40 -25.97
N GLY B 259 -14.05 -11.37 -25.05
CA GLY B 259 -14.56 -11.15 -23.71
C GLY B 259 -14.82 -12.46 -23.00
N LEU B 260 -15.95 -12.53 -22.33
CA LEU B 260 -16.31 -13.73 -21.59
C LEU B 260 -16.32 -14.96 -22.51
N ASN B 261 -16.83 -14.79 -23.73
CA ASN B 261 -16.90 -15.92 -24.66
C ASN B 261 -15.57 -16.34 -25.27
N SER B 262 -14.49 -15.60 -25.03
CA SER B 262 -13.20 -16.00 -25.58
C SER B 262 -12.17 -16.08 -24.46
N LEU B 263 -12.66 -16.09 -23.22
CA LEU B 263 -11.77 -16.12 -22.07
C LEU B 263 -11.10 -17.47 -21.81
N THR B 264 -9.78 -17.46 -21.66
CA THR B 264 -9.04 -18.68 -21.33
C THR B 264 -8.00 -18.32 -20.30
N TYR B 265 -7.77 -19.23 -19.36
CA TYR B 265 -6.78 -19.00 -18.30
C TYR B 265 -6.59 -20.30 -17.57
N GLN B 266 -5.57 -20.32 -16.72
CA GLN B 266 -5.29 -21.50 -15.91
C GLN B 266 -5.12 -21.08 -14.46
N VAL B 267 -6.01 -21.56 -13.60
CA VAL B 267 -5.95 -21.29 -12.17
C VAL B 267 -4.80 -22.10 -11.58
N LEU B 268 -3.87 -21.44 -10.89
CA LEU B 268 -2.77 -22.19 -10.28
C LEU B 268 -3.04 -22.52 -8.82
N ASP B 269 -3.91 -21.75 -8.16
CA ASP B 269 -4.18 -22.01 -6.75
C ASP B 269 -5.37 -21.18 -6.31
N VAL B 270 -6.07 -21.68 -5.29
CA VAL B 270 -7.20 -21.01 -4.69
C VAL B 270 -6.91 -21.13 -3.20
N GLN B 271 -6.75 -19.99 -2.53
CA GLN B 271 -6.43 -20.00 -1.11
C GLN B 271 -7.48 -19.18 -0.35
N ARG B 272 -8.07 -19.78 0.67
CA ARG B 272 -9.08 -19.09 1.46
C ARG B 272 -8.42 -18.52 2.69
N TYR B 273 -8.41 -17.20 2.81
CA TYR B 273 -7.84 -16.56 4.00
C TYR B 273 -9.02 -16.06 4.82
N PRO B 274 -8.79 -15.72 6.09
CA PRO B 274 -9.92 -15.25 6.87
C PRO B 274 -10.72 -14.10 6.26
N LEU B 275 -10.01 -13.15 5.65
CA LEU B 275 -10.63 -11.95 5.11
C LEU B 275 -10.80 -11.90 3.59
N TYR B 276 -10.37 -12.93 2.90
CA TYR B 276 -10.52 -12.94 1.45
C TYR B 276 -10.12 -14.25 0.83
N THR B 277 -10.59 -14.46 -0.39
CA THR B 277 -10.21 -15.62 -1.17
C THR B 277 -9.25 -15.12 -2.24
N GLN B 278 -8.08 -15.76 -2.34
CA GLN B 278 -7.12 -15.39 -3.36
C GLN B 278 -7.01 -16.48 -4.41
N ILE B 279 -7.27 -16.10 -5.66
CA ILE B 279 -7.22 -17.00 -6.80
C ILE B 279 -6.03 -16.57 -7.65
N THR B 280 -4.98 -17.41 -7.72
CA THR B 280 -3.79 -17.08 -8.51
C THR B 280 -3.96 -17.76 -9.87
N VAL B 281 -3.80 -16.96 -10.91
CA VAL B 281 -4.06 -17.44 -12.25
C VAL B 281 -3.06 -17.05 -13.32
N ASP B 282 -2.84 -17.96 -14.25
CA ASP B 282 -1.95 -17.70 -15.37
C ASP B 282 -2.89 -17.22 -16.47
N ILE B 283 -2.83 -15.94 -16.82
CA ILE B 283 -3.73 -15.44 -17.86
C ILE B 283 -3.02 -15.24 -19.18
N GLY B 284 -1.80 -15.76 -19.28
CA GLY B 284 -1.07 -15.67 -20.54
C GLY B 284 -0.32 -14.40 -20.85
N THR B 285 0.09 -14.30 -22.12
CA THR B 285 0.86 -13.14 -22.55
C THR B 285 0.28 -12.64 -23.89
N PRO B 286 0.63 -11.42 -24.28
CA PRO B 286 0.12 -10.89 -25.55
C PRO B 286 0.65 -11.68 -26.74
N SER B 287 -0.13 -11.74 -27.81
CA SER B 287 0.29 -12.44 -29.02
C SER B 287 1.35 -11.64 -29.77
N SER C 15 -1.38 21.19 -14.17
CA SER C 15 -1.27 21.53 -12.72
C SER C 15 -2.60 21.31 -11.98
N LEU C 16 -2.54 21.32 -10.65
CA LEU C 16 -3.69 21.08 -9.78
C LEU C 16 -4.93 21.91 -9.99
N PRO C 17 -6.11 21.26 -9.91
CA PRO C 17 -7.41 21.91 -10.07
C PRO C 17 -7.76 22.60 -8.75
N ALA C 18 -8.70 23.53 -8.79
CA ALA C 18 -9.13 24.22 -7.59
C ALA C 18 -9.82 23.18 -6.70
N CYS C 19 -9.74 23.34 -5.39
CA CYS C 19 -10.43 22.41 -4.49
C CYS C 19 -11.93 22.69 -4.62
N PRO C 20 -12.78 21.73 -4.23
CA PRO C 20 -14.22 21.99 -4.34
C PRO C 20 -14.56 23.22 -3.48
N GLU C 21 -15.62 23.93 -3.86
CA GLU C 21 -16.06 25.11 -3.13
C GLU C 21 -16.19 24.79 -1.64
N GLU C 22 -16.79 23.66 -1.34
CA GLU C 22 -16.96 23.23 0.04
C GLU C 22 -16.24 21.89 0.13
N SER C 23 -15.46 21.69 1.18
CA SER C 23 -14.75 20.44 1.31
C SER C 23 -15.69 19.25 1.41
N PRO C 24 -15.39 18.17 0.68
CA PRO C 24 -16.25 16.98 0.74
C PRO C 24 -15.79 16.04 1.85
N LEU C 25 -14.77 16.47 2.61
CA LEU C 25 -14.19 15.66 3.66
C LEU C 25 -14.71 15.89 5.08
N LEU C 26 -15.60 16.86 5.23
CA LEU C 26 -16.12 17.22 6.55
C LEU C 26 -16.97 16.12 7.19
N VAL C 27 -16.86 15.96 8.51
CA VAL C 27 -17.66 14.96 9.21
C VAL C 27 -18.71 15.62 10.10
N GLY C 28 -18.60 16.92 10.31
CA GLY C 28 -19.59 17.60 11.12
C GLY C 28 -19.31 17.60 12.61
N PRO C 29 -20.31 17.28 13.45
CA PRO C 29 -20.13 17.27 14.92
C PRO C 29 -19.07 16.28 15.38
N MET C 30 -18.28 16.71 16.36
CA MET C 30 -17.19 15.87 16.87
C MET C 30 -17.21 15.75 18.39
N LEU C 31 -16.48 14.76 18.88
CA LEU C 31 -16.38 14.54 20.32
C LEU C 31 -15.14 15.28 20.82
N ILE C 32 -15.33 16.23 21.73
CA ILE C 32 -14.22 17.02 22.27
C ILE C 32 -14.05 16.77 23.77
N GLU C 33 -12.88 16.30 24.17
CA GLU C 33 -12.59 16.05 25.58
C GLU C 33 -11.25 16.62 25.99
N PHE C 34 -11.17 17.07 27.24
CA PHE C 34 -9.95 17.66 27.79
C PHE C 34 -9.49 16.94 29.06
N ASN C 35 -9.78 15.65 29.17
CA ASN C 35 -9.39 14.92 30.37
C ASN C 35 -8.29 13.89 30.17
N MET C 36 -7.62 13.94 29.03
CA MET C 36 -6.54 12.99 28.76
C MET C 36 -5.27 13.73 28.41
N PRO C 37 -4.10 13.09 28.61
CA PRO C 37 -2.82 13.74 28.29
C PRO C 37 -2.59 13.78 26.79
N VAL C 38 -1.93 14.84 26.33
CA VAL C 38 -1.63 15.01 24.92
C VAL C 38 -0.13 15.01 24.70
N ASP C 39 0.33 14.20 23.76
CA ASP C 39 1.74 14.11 23.42
C ASP C 39 1.95 14.66 22.01
N LEU C 40 2.57 15.83 21.90
CA LEU C 40 2.77 16.45 20.59
C LEU C 40 3.60 15.64 19.60
N GLU C 41 4.46 14.75 20.09
CA GLU C 41 5.26 13.94 19.17
C GLU C 41 4.28 13.01 18.46
N LEU C 42 3.33 12.50 19.21
CA LEU C 42 2.32 11.60 18.67
C LEU C 42 1.35 12.36 17.77
N VAL C 43 0.95 13.57 18.17
CA VAL C 43 0.04 14.36 17.34
C VAL C 43 0.68 14.58 15.98
N ALA C 44 1.99 14.86 15.95
CA ALA C 44 2.69 15.07 14.69
C ALA C 44 2.64 13.79 13.86
N LYS C 45 2.83 12.66 14.52
CA LYS C 45 2.80 11.37 13.85
C LYS C 45 1.40 11.11 13.28
N GLN C 46 0.39 11.61 13.96
CA GLN C 46 -0.99 11.44 13.51
C GLN C 46 -1.36 12.45 12.42
N ASN C 47 -0.51 13.47 12.25
CA ASN C 47 -0.74 14.50 11.24
C ASN C 47 0.53 14.62 10.41
N PRO C 48 0.91 13.53 9.73
CA PRO C 48 2.13 13.49 8.90
C PRO C 48 2.23 14.51 7.78
N ASN C 49 1.10 15.04 7.31
CA ASN C 49 1.17 16.00 6.23
C ASN C 49 1.41 17.45 6.68
N VAL C 50 1.37 17.70 7.97
CA VAL C 50 1.62 19.05 8.50
C VAL C 50 3.15 19.20 8.52
N LYS C 51 3.64 20.17 7.75
CA LYS C 51 5.09 20.44 7.64
C LYS C 51 5.63 21.31 8.76
N MET C 52 6.95 21.31 8.93
CA MET C 52 7.61 22.07 9.99
C MET C 52 7.08 23.50 10.08
N GLY C 53 6.83 23.94 11.30
CA GLY C 53 6.31 25.26 11.53
C GLY C 53 4.78 25.28 11.52
N GLY C 54 4.18 24.09 11.44
CA GLY C 54 2.72 23.96 11.42
C GLY C 54 2.08 24.49 10.14
N ARG C 55 2.61 24.06 9.00
CA ARG C 55 2.10 24.49 7.69
C ARG C 55 1.50 23.31 6.93
N TYR C 56 0.40 23.59 6.23
CA TYR C 56 -0.28 22.57 5.45
C TYR C 56 -1.06 23.15 4.29
N ALA C 57 -1.09 22.39 3.19
CA ALA C 57 -1.88 22.75 2.04
C ALA C 57 -2.21 21.41 1.36
N PRO C 58 -3.39 21.30 0.75
CA PRO C 58 -3.81 20.07 0.08
C PRO C 58 -2.83 19.65 -1.01
N ARG C 59 -2.60 18.35 -1.11
CA ARG C 59 -1.72 17.83 -2.13
C ARG C 59 -2.45 17.69 -3.47
N ASP C 60 -3.76 17.46 -3.42
CA ASP C 60 -4.56 17.23 -4.62
C ASP C 60 -5.31 18.38 -5.28
N CYS C 61 -5.38 19.53 -4.63
CA CYS C 61 -6.07 20.64 -5.22
C CYS C 61 -5.58 21.94 -4.63
N VAL C 62 -5.89 23.04 -5.29
CA VAL C 62 -5.46 24.36 -4.84
C VAL C 62 -6.57 24.99 -4.01
N SER C 63 -6.24 25.38 -2.79
CA SER C 63 -7.23 26.02 -1.94
C SER C 63 -7.20 27.53 -2.14
N PRO C 64 -8.37 28.18 -2.22
CA PRO C 64 -8.41 29.64 -2.38
C PRO C 64 -8.25 30.30 -1.03
N HIS C 65 -8.26 29.49 0.03
CA HIS C 65 -8.11 30.02 1.38
C HIS C 65 -6.67 29.90 1.88
N LYS C 66 -5.97 31.03 1.93
CA LYS C 66 -4.58 31.07 2.40
C LYS C 66 -4.74 31.75 3.75
N VAL C 67 -4.75 30.92 4.78
CA VAL C 67 -5.05 31.35 6.13
C VAL C 67 -3.97 31.28 7.15
N ALA C 68 -3.72 32.39 7.84
CA ALA C 68 -2.74 32.38 8.90
C ALA C 68 -3.59 32.35 10.17
N ILE C 69 -3.41 31.33 11.01
CA ILE C 69 -4.16 31.24 12.24
C ILE C 69 -3.25 31.76 13.35
N ILE C 70 -3.72 32.82 13.98
CA ILE C 70 -2.98 33.53 15.00
C ILE C 70 -3.53 33.40 16.41
N ILE C 71 -2.70 32.89 17.30
CA ILE C 71 -3.07 32.66 18.69
C ILE C 71 -2.25 33.54 19.67
N PRO C 72 -2.94 34.43 20.42
CA PRO C 72 -2.26 35.30 21.40
C PRO C 72 -1.87 34.34 22.52
N PHE C 73 -0.64 34.44 23.03
CA PHE C 73 -0.19 33.44 24.00
C PHE C 73 0.85 33.86 25.06
N ARG C 74 0.82 33.13 26.18
CA ARG C 74 1.78 33.22 27.28
C ARG C 74 1.41 32.25 28.38
N ASN C 75 2.32 31.32 28.64
CA ASN C 75 2.14 30.32 29.66
C ASN C 75 0.80 29.56 29.57
N ARG C 76 0.48 29.05 28.38
CA ARG C 76 -0.75 28.26 28.17
C ARG C 76 -0.39 27.04 27.33
N GLN C 77 0.76 26.44 27.61
CA GLN C 77 1.22 25.30 26.85
C GLN C 77 0.24 24.12 26.87
N GLU C 78 -0.33 23.85 28.04
CA GLU C 78 -1.26 22.74 28.20
C GLU C 78 -2.48 22.93 27.30
N HIS C 79 -3.03 24.15 27.30
CA HIS C 79 -4.18 24.43 26.46
C HIS C 79 -3.78 24.32 24.99
N LEU C 80 -2.57 24.79 24.67
CA LEU C 80 -2.10 24.74 23.29
C LEU C 80 -1.97 23.30 22.79
N LYS C 81 -1.62 22.36 23.67
CA LYS C 81 -1.49 20.99 23.21
C LYS C 81 -2.85 20.45 22.77
N TYR C 82 -3.91 20.80 23.49
CA TYR C 82 -5.27 20.38 23.12
C TYR C 82 -5.69 21.09 21.84
N TRP C 83 -5.38 22.38 21.75
CA TRP C 83 -5.76 23.14 20.57
C TRP C 83 -5.15 22.50 19.32
N LEU C 84 -3.86 22.19 19.36
CA LEU C 84 -3.20 21.60 18.20
C LEU C 84 -3.76 20.21 17.91
N TYR C 85 -4.02 19.47 18.96
CA TYR C 85 -4.56 18.12 18.83
C TYR C 85 -5.90 18.13 18.09
N TYR C 86 -6.75 19.10 18.42
CA TYR C 86 -8.06 19.17 17.78
C TYR C 86 -8.14 19.92 16.47
N LEU C 87 -7.52 21.09 16.40
CA LEU C 87 -7.61 21.87 15.18
C LEU C 87 -6.86 21.37 13.95
N HIS C 88 -5.69 20.76 14.09
CA HIS C 88 -5.00 20.33 12.89
C HIS C 88 -5.84 19.38 12.02
N PRO C 89 -6.44 18.33 12.61
CA PRO C 89 -7.26 17.44 11.76
C PRO C 89 -8.37 18.21 11.08
N VAL C 90 -9.00 19.11 11.82
CA VAL C 90 -10.09 19.93 11.31
C VAL C 90 -9.69 20.85 10.16
N LEU C 91 -8.59 21.57 10.35
CA LEU C 91 -8.11 22.49 9.34
C LEU C 91 -7.75 21.76 8.05
N GLN C 92 -7.18 20.57 8.18
CA GLN C 92 -6.81 19.80 7.00
C GLN C 92 -8.08 19.33 6.30
N ARG C 93 -9.08 18.89 7.06
CA ARG C 93 -10.33 18.43 6.45
C ARG C 93 -11.02 19.58 5.72
N GLN C 94 -10.79 20.82 6.18
CA GLN C 94 -11.39 21.98 5.53
C GLN C 94 -10.61 22.39 4.26
N GLN C 95 -9.57 21.62 3.94
CA GLN C 95 -8.78 21.84 2.74
C GLN C 95 -8.19 23.26 2.66
N LEU C 96 -7.64 23.72 3.78
CA LEU C 96 -7.07 25.06 3.82
C LEU C 96 -5.56 25.03 3.56
N ASP C 97 -5.04 26.15 3.06
CA ASP C 97 -3.60 26.34 2.84
C ASP C 97 -3.33 27.22 4.06
N TYR C 98 -2.86 26.60 5.14
CA TYR C 98 -2.73 27.35 6.38
C TYR C 98 -1.43 27.20 7.15
N GLY C 99 -1.27 28.09 8.13
CA GLY C 99 -0.09 28.06 8.97
C GLY C 99 -0.52 28.49 10.35
N ILE C 100 0.08 27.86 11.37
CA ILE C 100 -0.24 28.15 12.77
C ILE C 100 0.84 29.05 13.37
N TYR C 101 0.41 30.16 13.95
CA TYR C 101 1.32 31.13 14.59
C TYR C 101 0.91 31.42 16.03
N VAL C 102 1.77 31.03 16.96
CA VAL C 102 1.55 31.27 18.37
C VAL C 102 2.37 32.51 18.75
N ILE C 103 1.69 33.61 19.08
CA ILE C 103 2.39 34.84 19.44
C ILE C 103 2.61 34.92 20.95
N ASN C 104 3.83 34.56 21.36
CA ASN C 104 4.22 34.51 22.76
C ASN C 104 4.75 35.84 23.31
N GLN C 105 4.05 36.39 24.30
CA GLN C 105 4.46 37.65 24.89
C GLN C 105 5.68 37.47 25.77
N ALA C 106 6.78 38.07 25.36
CA ALA C 106 8.03 37.98 26.13
C ALA C 106 7.83 38.75 27.45
N GLY C 107 8.47 38.26 28.50
CA GLY C 107 8.39 38.96 29.78
C GLY C 107 7.26 38.58 30.71
N ASP C 108 7.18 39.30 31.83
CA ASP C 108 6.16 39.04 32.83
C ASP C 108 5.34 40.26 33.21
N THR C 109 5.22 41.23 32.32
CA THR C 109 4.41 42.41 32.62
C THR C 109 3.01 42.19 32.05
N ILE C 110 2.11 43.16 32.26
CA ILE C 110 0.73 43.05 31.84
C ILE C 110 0.49 42.60 30.38
N PHE C 111 -0.33 41.56 30.24
CA PHE C 111 -0.68 40.95 28.96
C PHE C 111 -1.43 41.91 28.02
N ASN C 112 -1.17 41.80 26.72
CA ASN C 112 -1.86 42.64 25.75
C ASN C 112 -2.31 41.79 24.57
N ARG C 113 -3.48 41.17 24.72
CA ARG C 113 -4.02 40.29 23.69
C ARG C 113 -4.08 40.86 22.27
N ALA C 114 -4.70 42.01 22.10
CA ALA C 114 -4.84 42.60 20.76
C ALA C 114 -3.53 43.00 20.07
N LYS C 115 -2.54 43.42 20.85
CA LYS C 115 -1.28 43.82 20.24
C LYS C 115 -0.57 42.59 19.72
N LEU C 116 -0.68 41.49 20.47
CA LEU C 116 -0.07 40.24 20.05
C LEU C 116 -0.71 39.80 18.73
N LEU C 117 -2.01 40.06 18.58
CA LEU C 117 -2.69 39.68 17.36
C LEU C 117 -2.15 40.50 16.18
N ASN C 118 -1.94 41.79 16.40
CA ASN C 118 -1.40 42.65 15.34
C ASN C 118 -0.03 42.14 14.90
N VAL C 119 0.81 41.76 15.87
CA VAL C 119 2.15 41.22 15.58
C VAL C 119 1.98 39.98 14.70
N GLY C 120 1.02 39.13 15.06
CA GLY C 120 0.78 37.91 14.29
C GLY C 120 0.51 38.23 12.82
N PHE C 121 -0.37 39.20 12.58
CA PHE C 121 -0.72 39.60 11.23
C PHE C 121 0.53 40.03 10.46
N GLN C 122 1.29 40.95 11.04
CA GLN C 122 2.52 41.45 10.39
C GLN C 122 3.57 40.37 10.13
N GLU C 123 3.87 39.58 11.14
CA GLU C 123 4.88 38.55 11.03
C GLU C 123 4.50 37.39 10.10
N ALA C 124 3.22 37.00 10.09
CA ALA C 124 2.80 35.89 9.23
C ALA C 124 2.95 36.31 7.77
N LEU C 125 2.67 37.57 7.47
CA LEU C 125 2.79 38.04 6.09
C LEU C 125 4.22 38.00 5.55
N LYS C 126 5.20 37.90 6.45
CA LYS C 126 6.61 37.81 6.04
C LYS C 126 6.96 36.39 5.59
N ASP C 127 6.16 35.40 6.01
CA ASP C 127 6.39 34.01 5.62
C ASP C 127 5.73 33.65 4.31
N TYR C 128 4.52 34.15 4.12
CA TYR C 128 3.73 33.74 2.96
C TYR C 128 2.66 34.79 2.64
N ASP C 129 2.18 34.75 1.41
CA ASP C 129 1.15 35.68 0.96
C ASP C 129 -0.26 35.29 1.47
N TYR C 130 -0.44 35.21 2.78
CA TYR C 130 -1.75 34.87 3.35
C TYR C 130 -2.75 35.98 3.03
N THR C 131 -4.01 35.62 2.79
CA THR C 131 -5.03 36.63 2.50
C THR C 131 -6.20 36.56 3.48
N CYS C 132 -6.05 35.70 4.48
CA CYS C 132 -7.09 35.53 5.49
C CYS C 132 -6.43 35.26 6.81
N PHE C 133 -6.97 35.86 7.87
CA PHE C 133 -6.41 35.70 9.19
C PHE C 133 -7.48 35.33 10.20
N VAL C 134 -7.24 34.22 10.88
CA VAL C 134 -8.14 33.73 11.91
C VAL C 134 -7.44 34.03 13.22
N PHE C 135 -8.13 34.77 14.09
CA PHE C 135 -7.58 35.12 15.38
C PHE C 135 -8.31 34.25 16.39
N SER C 136 -7.58 33.39 17.09
CA SER C 136 -8.19 32.46 18.04
C SER C 136 -7.53 32.35 19.40
N ASP C 137 -8.34 32.45 20.45
CA ASP C 137 -7.79 32.26 21.78
C ASP C 137 -7.33 30.81 21.78
N VAL C 138 -6.35 30.52 22.64
CA VAL C 138 -5.74 29.20 22.72
C VAL C 138 -6.60 28.12 23.37
N ASP C 139 -7.67 28.53 24.02
CA ASP C 139 -8.52 27.60 24.76
C ASP C 139 -9.92 27.40 24.18
N LEU C 140 -10.10 27.71 22.91
CA LEU C 140 -11.40 27.52 22.25
C LEU C 140 -11.29 26.45 21.17
N ILE C 141 -12.13 25.42 21.27
CA ILE C 141 -12.10 24.30 20.32
C ILE C 141 -13.48 24.17 19.65
N PRO C 142 -13.51 24.16 18.30
CA PRO C 142 -14.82 24.02 17.63
C PRO C 142 -15.30 22.57 17.71
N MET C 143 -16.60 22.36 17.85
CA MET C 143 -17.14 21.00 17.94
C MET C 143 -17.70 20.47 16.62
N ASN C 144 -17.79 21.34 15.62
CA ASN C 144 -18.33 20.94 14.32
C ASN C 144 -17.42 21.46 13.19
N ASP C 145 -16.83 20.56 12.39
CA ASP C 145 -15.94 20.98 11.33
C ASP C 145 -16.58 21.71 10.15
N HIS C 146 -17.88 22.00 10.25
CA HIS C 146 -18.60 22.78 9.23
C HIS C 146 -18.43 24.27 9.56
N ASN C 147 -17.85 24.55 10.72
CA ASN C 147 -17.63 25.94 11.16
C ASN C 147 -16.30 26.30 10.46
N ALA C 148 -16.41 27.00 9.33
CA ALA C 148 -15.25 27.31 8.51
C ALA C 148 -14.22 28.24 9.14
N TYR C 149 -12.98 27.78 9.21
CA TYR C 149 -11.91 28.62 9.76
C TYR C 149 -11.22 29.38 8.63
N ARG C 150 -12.01 30.16 7.91
CA ARG C 150 -11.45 30.97 6.85
C ARG C 150 -12.31 32.22 6.70
N CYS C 151 -11.97 33.07 5.74
CA CYS C 151 -12.67 34.33 5.55
C CYS C 151 -13.88 34.38 4.63
N PHE C 152 -14.73 35.37 4.86
CA PHE C 152 -15.95 35.57 4.10
C PHE C 152 -16.01 37.02 3.55
N SER C 153 -17.06 37.34 2.81
CA SER C 153 -17.19 38.69 2.23
C SER C 153 -17.26 39.77 3.32
N GLN C 154 -17.64 39.38 4.53
CA GLN C 154 -17.71 40.29 5.68
C GLN C 154 -16.93 39.63 6.81
N PRO C 155 -16.49 40.42 7.80
CA PRO C 155 -15.75 39.90 8.95
C PRO C 155 -16.56 38.73 9.49
N ARG C 156 -15.86 37.67 9.89
CA ARG C 156 -16.53 36.46 10.37
C ARG C 156 -16.32 36.16 11.84
N HIS C 157 -17.41 36.01 12.60
CA HIS C 157 -17.31 35.65 14.00
C HIS C 157 -17.53 34.12 14.01
N ILE C 158 -16.53 33.37 14.49
CA ILE C 158 -16.54 31.92 14.51
C ILE C 158 -17.01 31.21 15.79
N SER C 159 -16.51 31.65 16.95
CA SER C 159 -16.90 31.03 18.22
C SER C 159 -18.24 31.60 18.69
N VAL C 160 -19.30 31.33 17.94
CA VAL C 160 -20.61 31.88 18.25
C VAL C 160 -21.45 31.23 19.35
N ALA C 161 -21.24 29.95 19.63
CA ALA C 161 -22.02 29.26 20.65
C ALA C 161 -21.10 28.54 21.64
N MET C 162 -20.45 29.30 22.50
CA MET C 162 -19.55 28.73 23.47
C MET C 162 -20.26 28.13 24.66
N ASP C 163 -19.76 27.01 25.16
CA ASP C 163 -20.39 26.39 26.30
C ASP C 163 -20.39 27.35 27.49
N LYS C 164 -19.27 28.03 27.73
CA LYS C 164 -19.21 28.93 28.89
C LYS C 164 -20.21 30.07 28.82
N PHE C 165 -20.85 30.26 27.65
CA PHE C 165 -21.86 31.30 27.50
C PHE C 165 -23.25 30.69 27.26
N GLY C 166 -23.44 29.46 27.72
CA GLY C 166 -24.72 28.81 27.55
C GLY C 166 -25.06 28.51 26.11
N PHE C 167 -24.02 28.20 25.32
CA PHE C 167 -24.19 27.89 23.90
C PHE C 167 -24.91 28.95 23.08
N SER C 168 -24.57 30.21 23.33
CA SER C 168 -25.12 31.33 22.58
C SER C 168 -24.19 32.52 22.82
N LEU C 169 -24.44 33.60 22.10
CA LEU C 169 -23.62 34.80 22.25
C LEU C 169 -23.95 35.44 23.61
N PRO C 170 -22.93 35.94 24.33
CA PRO C 170 -23.23 36.57 25.63
C PRO C 170 -24.01 37.86 25.37
N TYR C 171 -23.85 38.40 24.17
CA TYR C 171 -24.57 39.59 23.73
C TYR C 171 -24.38 39.63 22.22
N VAL C 172 -25.36 40.16 21.50
CA VAL C 172 -25.34 40.15 20.05
C VAL C 172 -24.17 40.82 19.34
N GLN C 173 -23.54 41.80 19.98
CA GLN C 173 -22.39 42.48 19.37
C GLN C 173 -21.05 41.88 19.82
N TYR C 174 -21.12 40.75 20.53
CA TYR C 174 -19.91 40.07 20.98
C TYR C 174 -19.11 39.56 19.78
N PHE C 175 -17.82 39.88 19.77
CA PHE C 175 -16.94 39.48 18.67
C PHE C 175 -15.65 38.82 19.18
N GLY C 176 -15.65 38.36 20.42
CA GLY C 176 -14.44 37.74 20.96
C GLY C 176 -14.29 36.23 20.72
N GLY C 177 -13.19 35.68 21.21
CA GLY C 177 -12.94 34.25 21.08
C GLY C 177 -12.22 33.86 19.80
N VAL C 178 -12.98 33.61 18.75
CA VAL C 178 -12.42 33.23 17.45
C VAL C 178 -13.13 34.02 16.36
N SER C 179 -12.34 34.64 15.48
CA SER C 179 -12.90 35.40 14.38
C SER C 179 -11.95 35.30 13.20
N ALA C 180 -12.42 35.71 12.04
CA ALA C 180 -11.60 35.70 10.84
C ALA C 180 -11.84 36.97 10.06
N LEU C 181 -10.75 37.60 9.63
CA LEU C 181 -10.84 38.81 8.82
C LEU C 181 -9.95 38.64 7.61
N SER C 182 -10.41 39.05 6.44
CA SER C 182 -9.59 38.97 5.25
C SER C 182 -8.50 40.03 5.43
N LYS C 183 -7.46 39.96 4.62
CA LYS C 183 -6.39 40.93 4.70
C LYS C 183 -6.96 42.33 4.48
N GLN C 184 -7.85 42.47 3.49
CA GLN C 184 -8.43 43.77 3.21
C GLN C 184 -9.28 44.31 4.37
N GLN C 185 -10.06 43.43 5.01
CA GLN C 185 -10.90 43.85 6.13
C GLN C 185 -10.04 44.35 7.26
N PHE C 186 -8.97 43.62 7.55
CA PHE C 186 -8.05 43.97 8.61
C PHE C 186 -7.37 45.31 8.34
N LEU C 187 -6.89 45.49 7.11
CA LEU C 187 -6.21 46.73 6.74
C LEU C 187 -7.19 47.90 6.78
N THR C 188 -8.43 47.65 6.37
CA THR C 188 -9.44 48.69 6.34
C THR C 188 -9.70 49.34 7.71
N ILE C 189 -9.63 48.58 8.79
CA ILE C 189 -9.86 49.13 10.13
C ILE C 189 -8.57 49.52 10.85
N ASN C 190 -7.47 49.54 10.12
CA ASN C 190 -6.16 49.87 10.69
C ASN C 190 -5.79 48.85 11.77
N GLY C 191 -6.08 47.59 11.50
CA GLY C 191 -5.77 46.54 12.44
C GLY C 191 -6.50 46.69 13.76
N PHE C 192 -5.93 46.10 14.80
CA PHE C 192 -6.52 46.14 16.12
C PHE C 192 -5.85 47.22 16.97
N PRO C 193 -6.50 47.64 18.07
CA PRO C 193 -5.91 48.66 18.95
C PRO C 193 -4.71 48.11 19.70
N ASN C 194 -3.73 48.98 19.93
CA ASN C 194 -2.53 48.56 20.65
C ASN C 194 -2.52 48.93 22.13
N ASN C 195 -3.47 49.75 22.56
CA ASN C 195 -3.48 50.18 23.96
C ASN C 195 -4.50 49.59 24.93
N TYR C 196 -4.89 48.33 24.72
CA TYR C 196 -5.80 47.68 25.64
C TYR C 196 -4.92 46.72 26.45
N TRP C 197 -4.53 47.13 27.65
CA TRP C 197 -3.70 46.31 28.51
C TRP C 197 -4.54 45.63 29.57
N GLY C 198 -4.32 44.33 29.75
CA GLY C 198 -5.11 43.58 30.71
C GLY C 198 -6.39 43.13 30.02
N TRP C 199 -7.15 42.28 30.71
CA TRP C 199 -8.40 41.72 30.20
C TRP C 199 -9.54 42.69 29.90
N GLY C 200 -10.28 42.41 28.82
CA GLY C 200 -11.45 43.20 28.47
C GLY C 200 -11.48 44.34 27.46
N GLY C 201 -12.59 44.41 26.74
CA GLY C 201 -12.83 45.48 25.78
C GLY C 201 -12.17 45.56 24.42
N GLU C 202 -11.00 44.96 24.25
CA GLU C 202 -10.34 45.07 22.95
C GLU C 202 -11.18 44.44 21.83
N ASP C 203 -11.91 43.37 22.15
CA ASP C 203 -12.75 42.71 21.16
C ASP C 203 -13.94 43.60 20.81
N ASP C 204 -14.47 44.32 21.78
CA ASP C 204 -15.57 45.23 21.50
C ASP C 204 -15.07 46.37 20.62
N ASP C 205 -13.84 46.82 20.89
CA ASP C 205 -13.25 47.89 20.12
C ASP C 205 -13.17 47.46 18.65
N ILE C 206 -12.70 46.23 18.43
CA ILE C 206 -12.58 45.69 17.08
C ILE C 206 -13.93 45.67 16.40
N PHE C 207 -14.97 45.26 17.12
CA PHE C 207 -16.32 45.25 16.58
C PHE C 207 -16.67 46.68 16.14
N ASN C 208 -16.43 47.65 17.02
CA ASN C 208 -16.74 49.05 16.67
C ASN C 208 -16.01 49.46 15.39
N ARG C 209 -14.74 49.10 15.28
CA ARG C 209 -13.96 49.46 14.09
C ARG C 209 -14.64 48.94 12.83
N LEU C 210 -15.03 47.67 12.86
CA LEU C 210 -15.67 47.07 11.69
C LEU C 210 -16.96 47.80 11.34
N VAL C 211 -17.79 48.05 12.35
CA VAL C 211 -19.04 48.74 12.08
C VAL C 211 -18.80 50.16 11.58
N PHE C 212 -17.83 50.85 12.17
CA PHE C 212 -17.53 52.22 11.76
C PHE C 212 -17.00 52.24 10.33
N ARG C 213 -16.55 51.10 9.82
CA ARG C 213 -16.06 51.05 8.45
C ARG C 213 -17.06 50.44 7.48
N GLY C 214 -18.32 50.42 7.87
CA GLY C 214 -19.36 49.90 6.99
C GLY C 214 -19.53 48.40 6.86
N MET C 215 -18.94 47.62 7.76
CA MET C 215 -19.07 46.17 7.67
C MET C 215 -20.06 45.62 8.69
N SER C 216 -20.45 44.37 8.51
CA SER C 216 -21.37 43.71 9.44
C SER C 216 -20.76 42.35 9.77
N ILE C 217 -21.19 41.75 10.87
CA ILE C 217 -20.64 40.48 11.27
C ILE C 217 -21.35 39.27 10.67
N SER C 218 -20.58 38.40 10.03
CA SER C 218 -21.10 37.17 9.43
C SER C 218 -20.91 36.07 10.46
N ARG C 219 -21.88 35.17 10.57
CA ARG C 219 -21.78 34.09 11.56
C ARG C 219 -22.42 32.79 11.09
N PRO C 220 -21.87 31.65 11.51
CA PRO C 220 -22.46 30.35 11.13
C PRO C 220 -23.63 30.24 12.10
N ASN C 221 -24.50 29.24 11.94
CA ASN C 221 -25.60 29.12 12.89
C ASN C 221 -25.08 28.57 14.22
N ALA C 222 -25.88 28.75 15.27
CA ALA C 222 -25.51 28.31 16.61
C ALA C 222 -25.06 26.86 16.74
N VAL C 223 -25.71 25.94 16.04
CA VAL C 223 -25.33 24.55 16.14
C VAL C 223 -23.95 24.32 15.54
N VAL C 224 -23.75 24.80 14.32
CA VAL C 224 -22.47 24.63 13.65
C VAL C 224 -21.38 25.38 14.42
N GLY C 225 -21.76 26.52 15.00
CA GLY C 225 -20.80 27.33 15.74
C GLY C 225 -20.54 26.90 17.18
N THR C 226 -21.03 25.73 17.58
CA THR C 226 -20.81 25.26 18.94
C THR C 226 -19.32 25.14 19.22
N THR C 227 -18.89 25.75 20.32
CA THR C 227 -17.48 25.77 20.69
C THR C 227 -17.23 25.46 22.16
N ARG C 228 -16.19 24.68 22.45
CA ARG C 228 -15.85 24.35 23.82
C ARG C 228 -14.69 25.22 24.33
N HIS C 229 -14.83 25.71 25.56
CA HIS C 229 -13.80 26.54 26.18
C HIS C 229 -13.16 25.73 27.31
N ILE C 230 -11.84 25.56 27.26
CA ILE C 230 -11.14 24.80 28.29
C ILE C 230 -11.20 25.58 29.60
N ARG C 231 -11.98 25.09 30.55
CA ARG C 231 -12.13 25.77 31.84
C ARG C 231 -10.75 26.00 32.50
N HIS C 232 -10.53 27.20 33.01
CA HIS C 232 -9.26 27.57 33.65
C HIS C 232 -9.42 28.74 34.64
N SER C 233 -8.43 28.89 35.52
CA SER C 233 -8.45 29.97 36.50
C SER C 233 -7.80 31.22 35.91
N ARG C 234 -7.96 32.35 36.57
CA ARG C 234 -7.39 33.62 36.10
C ARG C 234 -5.87 33.57 36.02
N ASP C 235 -5.32 34.12 34.94
CA ASP C 235 -3.87 34.16 34.81
C ASP C 235 -3.47 35.42 35.54
N LYS C 236 -2.25 35.47 36.05
CA LYS C 236 -1.80 36.66 36.72
C LYS C 236 -1.36 37.58 35.58
N LYS C 237 -1.28 38.87 35.87
CA LYS C 237 -0.84 39.86 34.88
C LYS C 237 -1.77 40.14 33.71
N ASN C 238 -3.06 39.88 33.90
CA ASN C 238 -4.04 40.17 32.86
C ASN C 238 -5.34 40.59 33.52
N GLU C 239 -5.23 41.43 34.55
CA GLU C 239 -6.38 41.91 35.27
C GLU C 239 -7.26 42.83 34.46
N PRO C 240 -8.58 42.80 34.71
CA PRO C 240 -9.55 43.64 34.01
C PRO C 240 -9.09 45.09 33.95
N ASN C 241 -9.06 45.63 32.74
CA ASN C 241 -8.63 47.00 32.50
C ASN C 241 -9.74 47.98 32.88
N PRO C 242 -9.51 48.79 33.93
CA PRO C 242 -10.48 49.77 34.40
C PRO C 242 -10.90 50.80 33.35
N GLN C 243 -10.00 51.13 32.44
CA GLN C 243 -10.32 52.13 31.43
C GLN C 243 -10.89 51.56 30.13
N ARG C 244 -11.16 50.26 30.11
CA ARG C 244 -11.69 49.63 28.91
C ARG C 244 -13.01 50.23 28.43
N PHE C 245 -13.89 50.57 29.36
CA PHE C 245 -15.17 51.16 28.97
C PHE C 245 -15.01 52.52 28.33
N ASP C 246 -14.10 53.34 28.86
CA ASP C 246 -13.89 54.66 28.28
C ASP C 246 -13.30 54.50 26.89
N ARG C 247 -12.37 53.56 26.75
CA ARG C 247 -11.72 53.33 25.48
C ARG C 247 -12.66 52.91 24.34
N ILE C 248 -13.55 51.96 24.60
CA ILE C 248 -14.45 51.51 23.53
C ILE C 248 -15.45 52.59 23.13
N ALA C 249 -15.63 53.59 23.99
CA ALA C 249 -16.55 54.69 23.71
C ALA C 249 -15.96 55.67 22.70
N HIS C 250 -14.64 55.62 22.50
CA HIS C 250 -13.98 56.53 21.56
C HIS C 250 -13.30 55.88 20.37
N THR C 251 -13.60 54.60 20.13
CA THR C 251 -12.99 53.87 19.03
C THR C 251 -12.99 54.62 17.70
N LYS C 252 -14.12 55.20 17.32
CA LYS C 252 -14.19 55.91 16.04
C LYS C 252 -13.06 56.91 15.82
N GLU C 253 -12.61 57.56 16.89
CA GLU C 253 -11.53 58.54 16.76
C GLU C 253 -10.15 57.90 16.87
N THR C 254 -9.96 57.08 17.90
CA THR C 254 -8.67 56.45 18.13
C THR C 254 -8.23 55.41 17.10
N MET C 255 -9.17 54.82 16.37
CA MET C 255 -8.80 53.80 15.39
C MET C 255 -8.00 54.42 14.25
N LEU C 256 -8.17 55.72 14.06
CA LEU C 256 -7.46 56.43 13.01
C LEU C 256 -5.96 56.50 13.24
N SER C 257 -5.56 56.62 14.50
CA SER C 257 -4.14 56.76 14.85
C SER C 257 -3.57 55.67 15.75
N ASP C 258 -4.40 54.69 16.12
CA ASP C 258 -3.91 53.62 16.98
C ASP C 258 -4.22 52.26 16.37
N GLY C 259 -3.17 51.53 16.01
CA GLY C 259 -3.35 50.23 15.40
C GLY C 259 -2.13 49.85 14.60
N LEU C 260 -2.36 49.33 13.39
CA LEU C 260 -1.29 48.88 12.51
C LEU C 260 -0.33 50.02 12.18
N ASN C 261 -0.86 51.21 11.98
CA ASN C 261 -0.04 52.37 11.65
C ASN C 261 0.76 52.94 12.83
N SER C 262 0.63 52.37 14.01
CA SER C 262 1.37 52.87 15.18
C SER C 262 2.01 51.70 15.90
N LEU C 263 1.90 50.53 15.30
CA LEU C 263 2.45 49.32 15.90
C LEU C 263 3.97 49.23 16.02
N THR C 264 4.45 48.96 17.23
CA THR C 264 5.88 48.80 17.47
C THR C 264 6.06 47.59 18.37
N TYR C 265 7.14 46.83 18.15
CA TYR C 265 7.42 45.64 18.94
C TYR C 265 8.76 45.07 18.48
N GLN C 266 9.29 44.10 19.21
CA GLN C 266 10.55 43.49 18.79
C GLN C 266 10.52 41.96 18.92
N VAL C 267 10.64 41.28 17.79
CA VAL C 267 10.66 39.82 17.80
C VAL C 267 12.00 39.38 18.40
N LEU C 268 11.95 38.47 19.36
CA LEU C 268 13.16 38.00 20.00
C LEU C 268 13.60 36.65 19.43
N ASP C 269 12.63 35.75 19.21
CA ASP C 269 12.96 34.46 18.60
C ASP C 269 11.74 33.83 17.93
N VAL C 270 12.01 33.03 16.92
CA VAL C 270 10.97 32.34 16.18
C VAL C 270 11.35 30.87 16.20
N GLN C 271 10.50 30.06 16.79
CA GLN C 271 10.71 28.63 16.88
C GLN C 271 9.87 27.94 15.80
N ARG C 272 10.47 27.06 15.00
CA ARG C 272 9.69 26.35 13.99
C ARG C 272 9.47 24.95 14.54
N TYR C 273 8.41 24.75 15.32
CA TYR C 273 8.12 23.43 15.87
C TYR C 273 7.36 22.59 14.83
N PRO C 274 7.27 21.27 15.05
CA PRO C 274 6.55 20.46 14.05
C PRO C 274 5.13 20.94 13.74
N LEU C 275 4.39 21.31 14.78
CA LEU C 275 2.99 21.71 14.62
C LEU C 275 2.65 23.18 14.66
N TYR C 276 3.64 24.05 14.86
CA TYR C 276 3.34 25.47 14.89
C TYR C 276 4.61 26.29 14.93
N THR C 277 4.45 27.57 14.58
CA THR C 277 5.56 28.51 14.62
C THR C 277 5.27 29.42 15.80
N GLN C 278 6.19 29.48 16.75
CA GLN C 278 6.00 30.36 17.90
C GLN C 278 6.92 31.59 17.77
N ILE C 279 6.32 32.77 17.81
CA ILE C 279 7.05 34.02 17.72
C ILE C 279 7.03 34.68 19.09
N THR C 280 8.17 34.68 19.77
CA THR C 280 8.28 35.31 21.08
C THR C 280 8.62 36.78 20.79
N VAL C 281 7.78 37.68 21.31
CA VAL C 281 7.94 39.09 21.01
C VAL C 281 7.79 40.02 22.22
N ASP C 282 8.58 41.08 22.21
CA ASP C 282 8.53 42.09 23.28
C ASP C 282 7.61 43.16 22.73
N ILE C 283 6.43 43.30 23.32
CA ILE C 283 5.47 44.30 22.86
C ILE C 283 5.43 45.51 23.78
N GLY C 284 6.38 45.56 24.71
CA GLY C 284 6.46 46.70 25.62
C GLY C 284 5.53 46.70 26.81
N THR C 285 5.33 47.89 27.35
CA THR C 285 4.49 48.08 28.52
C THR C 285 3.63 49.31 28.34
N PRO C 286 2.61 49.47 29.18
CA PRO C 286 1.76 50.65 29.03
C PRO C 286 2.48 51.92 29.48
N SER C 287 2.13 53.03 28.86
CA SER C 287 2.74 54.30 29.22
C SER C 287 2.18 54.72 30.57
C1 BMA D . 26.04 -8.24 5.89
C2 BMA D . 26.47 -9.62 5.25
C3 BMA D . 27.77 -10.16 5.98
C4 BMA D . 28.90 -9.11 5.83
C5 BMA D . 28.43 -7.71 6.48
C6 BMA D . 29.49 -6.57 6.34
O1 BMA D . 24.91 -7.71 5.25
O2 BMA D . 26.76 -9.42 3.85
O3 BMA D . 28.23 -11.42 5.41
O4 BMA D . 30.08 -9.56 6.47
O5 BMA D . 27.18 -7.26 5.82
O6 BMA D . 30.75 -6.90 6.93
C1 MAN D . 28.02 -12.62 6.19
C2 MAN D . 28.68 -13.77 5.29
C3 MAN D . 27.88 -13.87 3.95
C4 MAN D . 26.41 -14.28 4.26
C5 MAN D . 25.74 -13.19 5.18
C6 MAN D . 24.31 -13.46 5.62
O2 MAN D . 28.55 -15.02 6.02
O3 MAN D . 28.46 -14.89 3.12
O4 MAN D . 25.54 -14.40 3.14
O5 MAN D . 26.57 -12.97 6.42
O6 MAN D . 24.17 -14.72 6.23
C1 NAG D . 25.20 -15.66 2.58
C2 NAG D . 24.20 -15.44 1.42
C3 NAG D . 23.84 -16.80 0.82
C4 NAG D . 25.16 -17.43 0.27
C5 NAG D . 26.15 -17.65 1.42
C6 NAG D . 27.49 -18.25 0.95
C7 NAG D . 22.68 -13.48 1.91
C8 NAG D . 21.38 -13.05 2.58
N2 NAG D . 22.97 -14.78 2.00
O3 NAG D . 22.93 -16.57 -0.26
O4 NAG D . 24.87 -18.71 -0.33
O5 NAG D . 26.43 -16.33 2.04
O6 NAG D . 28.14 -17.42 -0.05
O7 NAG D . 23.41 -12.67 1.33
C1 BMA E . -3.23 11.74 -25.08
C2 BMA E . -3.78 11.34 -23.65
C3 BMA E . -3.89 12.65 -22.75
C4 BMA E . -2.46 13.25 -22.62
C5 BMA E . -1.89 13.61 -24.07
C6 BMA E . -0.44 14.19 -24.03
O1 BMA E . -3.11 10.62 -25.91
O2 BMA E . -2.87 10.43 -23.05
O3 BMA E . -4.37 12.37 -21.39
O4 BMA E . -2.50 14.43 -21.80
O5 BMA E . -1.89 12.40 -24.93
O6 BMA E . -0.34 15.34 -23.22
C1 MAN E . -5.74 12.68 -21.06
C2 MAN E . -5.85 12.29 -19.53
C3 MAN E . -5.57 10.76 -19.36
C4 MAN E . -6.69 9.98 -20.11
C5 MAN E . -6.66 10.35 -21.65
C6 MAN E . -7.70 9.72 -22.52
O2 MAN E . -7.20 12.59 -19.10
O3 MAN E . -5.64 10.40 -17.97
O4 MAN E . -6.57 8.54 -20.08
O5 MAN E . -6.75 11.85 -21.82
O6 MAN E . -9.01 9.99 -22.04
C1 NAG E . -7.35 7.75 -19.19
C2 NAG E . -7.03 6.26 -19.44
C3 NAG E . -7.84 5.41 -18.47
C4 NAG E . -7.45 5.80 -17.02
C5 NAG E . -7.78 7.29 -16.78
C6 NAG E . -7.41 7.75 -15.37
C7 NAG E . -6.53 5.94 -21.85
C8 NAG E . -7.12 5.55 -23.22
N2 NAG E . -7.38 5.92 -20.84
O3 NAG E . -7.53 4.04 -18.69
O4 NAG E . -8.20 5.01 -16.09
O5 NAG E . -7.01 8.10 -17.77
O6 NAG E . -6.02 7.60 -15.08
O7 NAG E . -5.33 6.25 -21.71
C1 BMA F . -20.22 46.49 34.02
C2 BMA F . -19.91 45.12 33.32
C3 BMA F . -21.27 44.34 33.10
C4 BMA F . -21.95 44.11 34.49
C5 BMA F . -22.24 45.53 35.18
C6 BMA F . -22.89 45.41 36.60
O1 BMA F . -19.04 47.20 34.27
O2 BMA F . -19.05 44.34 34.16
O3 BMA F . -21.02 43.06 32.47
O4 BMA F . -23.17 43.40 34.31
O5 BMA F . -20.96 46.27 35.32
O6 BMA F . -24.14 44.73 36.58
C1 MAN F . -21.72 42.75 31.25
C2 MAN F . -21.20 41.29 30.88
C3 MAN F . -19.67 41.38 30.57
C4 MAN F . -19.44 42.30 29.34
C5 MAN F . -19.96 43.76 29.68
C6 MAN F . -19.84 44.80 28.58
O2 MAN F . -21.89 40.87 29.68
O3 MAN F . -19.19 40.06 30.24
O4 MAN F . -18.08 42.49 28.95
O5 MAN F . -21.40 43.70 30.12
O6 MAN F . -20.63 44.47 27.45
C1 NAG F . -17.49 41.80 27.84
C2 NAG F . -16.03 42.27 27.69
C3 NAG F . -15.40 41.53 26.49
C4 NAG F . -15.44 40.00 26.77
C5 NAG F . -16.91 39.55 26.92
C6 NAG F . -17.04 38.04 27.21
C7 NAG F . -15.81 44.66 28.39
C8 NAG F . -15.86 46.10 27.89
N2 NAG F . -16.02 43.75 27.46
O3 NAG F . -14.03 41.96 26.37
O4 NAG F . -14.85 39.29 25.67
O5 NAG F . -17.53 40.32 28.04
O6 NAG F . -16.38 37.65 28.42
O7 NAG F . -15.60 44.39 29.58
MN MN G . 30.24 -20.49 -7.86
S SO4 H . 42.96 -27.52 -9.66
O1 SO4 H . 42.44 -26.62 -10.90
O2 SO4 H . 42.16 -28.72 -9.71
O3 SO4 H . 44.24 -27.77 -9.75
O4 SO4 H . 42.58 -26.72 -8.52
S SO4 I . 24.74 -50.90 -15.71
O1 SO4 I . 25.53 -49.57 -15.24
O2 SO4 I . 24.08 -50.52 -16.96
O3 SO4 I . 25.59 -51.89 -15.86
O4 SO4 I . 23.75 -51.08 -14.69
S SO4 J . 23.57 -40.17 6.63
O1 SO4 J . 22.31 -39.19 6.90
O2 SO4 J . 22.99 -41.41 6.15
O3 SO4 J . 24.39 -39.63 5.78
O4 SO4 J . 24.10 -40.39 7.96
S SO4 K . 36.85 -17.33 -15.01
O1 SO4 K . 35.25 -17.24 -14.74
O2 SO4 K . 37.08 -18.69 -15.43
O3 SO4 K . 37.21 -16.45 -15.91
O4 SO4 K . 37.41 -17.14 -13.70
N1 UDH L . 25.06 -19.26 -12.63
C2 UDH L . 25.25 -19.45 -14.01
N3 UDH L . 25.58 -18.29 -14.73
C4 UDH L . 25.73 -16.99 -14.20
C5 UDH L . 25.51 -16.88 -12.77
C6 UDH L . 25.19 -17.96 -12.05
O2 UDH L . 25.13 -20.58 -14.49
O4 UDH L . 26.01 -16.07 -14.94
C1B UDH L . 24.69 -20.49 -11.85
C2B UDH L . 25.68 -21.60 -11.70
O2' UDH L . 25.07 -22.91 -11.62
C3B UDH L . 26.38 -21.16 -10.46
C4B UDH L . 25.22 -20.75 -9.55
O4' UDH L . 24.42 -20.03 -10.52
O3' UDH L . 27.20 -22.15 -9.87
C5B UDH L . 25.74 -19.92 -8.42
O5' UDH L . 26.26 -18.66 -8.80
PA UDH L . 27.79 -18.27 -8.60
O1A UDH L . 28.65 -19.44 -8.94
O2A UDH L . 28.21 -17.03 -9.32
O3A UDH L . 27.84 -17.96 -6.97
PB UDH L . 29.11 -17.96 -6.04
O1B UDH L . 28.45 -17.49 -4.67
O2B UDH L . 29.98 -16.87 -6.58
O3B UDH L . 29.89 -19.20 -6.24
C1' UDH L . 29.67 -15.45 -6.49
C2' UDH L . 30.69 -14.76 -7.43
C3' UDH L . 31.85 -14.38 -6.49
C4' UDH L . 33.10 -14.81 -7.25
C5' UDH L . 34.23 -14.60 -6.23
C6' UDH L . 35.44 -14.25 -7.11
N6' UDH L . 36.37 -13.71 -6.20
C1 GOL M . 23.72 -16.85 -3.97
O1 GOL M . 22.70 -16.68 -4.95
C2 GOL M . 24.56 -18.12 -4.15
O2 GOL M . 24.57 -18.60 -5.49
C3 GOL M . 24.03 -19.20 -3.24
O3 GOL M . 22.78 -19.64 -3.72
C1 GOL N . 15.42 -11.65 -21.62
O1 GOL N . 15.72 -10.43 -20.93
C2 GOL N . 14.19 -12.39 -21.07
O2 GOL N . 13.14 -11.52 -20.67
C3 GOL N . 14.58 -13.28 -19.87
O3 GOL N . 15.16 -12.48 -18.85
C1 GOL O . 6.78 -33.29 5.84
O1 GOL O . 7.84 -33.65 6.72
C2 GOL O . 7.12 -33.46 4.35
O2 GOL O . 6.40 -32.58 3.51
C3 GOL O . 6.85 -34.89 3.89
O3 GOL O . 7.99 -35.36 3.22
MN MN P . -3.27 3.12 -8.32
S SO4 Q . -28.02 7.37 -5.63
O1 SO4 Q . -28.61 8.88 -5.81
O2 SO4 Q . -28.00 6.82 -6.98
O3 SO4 Q . -26.83 7.42 -5.08
O4 SO4 Q . -29.04 6.71 -4.86
S SO4 R . 7.83 6.26 -10.40
O1 SO4 R . 7.81 6.62 -11.98
O2 SO4 R . 6.47 6.40 -9.96
O3 SO4 R . 8.30 5.05 -10.22
O4 SO4 R . 8.62 7.32 -9.84
S SO4 S . -1.92 9.62 4.98
O1 SO4 S . -3.30 8.84 4.71
O2 SO4 S . -1.95 10.75 4.07
O3 SO4 S . -1.85 9.98 6.24
O4 SO4 S . -0.92 8.69 4.52
S SO4 T . -24.06 -9.38 12.41
O1 SO4 T . -25.21 -9.52 11.28
O2 SO4 T . -23.27 -8.25 11.98
O3 SO4 T . -24.58 -9.20 13.61
O4 SO4 T . -23.30 -10.59 12.26
S SO4 U . 5.47 2.97 -3.13
O1 SO4 U . 6.89 2.20 -3.33
O2 SO4 U . 4.82 2.28 -2.03
O3 SO4 U . 5.68 4.23 -2.90
O4 SO4 U . 4.77 2.66 -4.35
S SO4 V . -0.52 -9.94 8.43
O1 SO4 V . 0.59 -10.15 7.26
O2 SO4 V . -1.06 -8.62 8.20
O3 SO4 V . -1.43 -10.90 8.36
O4 SO4 V . 0.28 -9.93 9.64
S SO4 W . -11.33 -24.36 -2.02
O1 SO4 W . -12.24 -24.04 -3.34
O2 SO4 W . -10.64 -23.12 -1.74
O3 SO4 W . -12.09 -24.76 -1.03
O4 SO4 W . -10.37 -25.32 -2.51
N1 UDH X . -2.31 -3.74 -10.19
C2 UDH X . -1.63 -4.62 -9.31
N3 UDH X . -0.29 -4.80 -9.57
C4 UDH X . 0.46 -4.19 -10.59
C5 UDH X . -0.28 -3.29 -11.45
C6 UDH X . -1.59 -3.08 -11.24
O2 UDH X . -2.25 -5.17 -8.41
O4 UDH X . 1.66 -4.44 -10.70
C1B UDH X . -3.77 -3.54 -9.93
C2B UDH X . -4.20 -2.87 -8.65
O2' UDH X . -5.51 -3.30 -8.22
C3B UDH X . -4.17 -1.44 -9.08
C4B UDH X . -4.87 -1.49 -10.45
O4' UDH X . -4.23 -2.69 -10.98
O3' UDH X . -4.78 -0.54 -8.15
C5B UDH X . -4.57 -0.24 -11.23
O5' UDH X . -3.17 -0.06 -11.52
PA UDH X . -2.37 1.18 -10.94
O1A UDH X . -2.74 1.41 -9.50
O2A UDH X . -0.91 1.13 -11.17
O3A UDH X . -2.97 2.41 -11.88
PB UDH X . -2.86 3.94 -11.55
O1B UDH X . -3.56 4.58 -12.83
O2B UDH X . -1.37 4.21 -11.54
O3B UDH X . -3.29 4.22 -10.17
C1' UDH X . -0.52 4.21 -12.70
C2' UDH X . 0.89 4.41 -12.10
C3' UDH X . 1.06 5.94 -12.09
C4' UDH X . 1.67 6.22 -10.71
C5' UDH X . 1.86 7.75 -10.72
C6' UDH X . 3.21 7.96 -10.03
N6' UDH X . 3.40 9.34 -10.09
C1 GOL Y . -5.52 1.98 -16.31
O1 GOL Y . -5.43 0.59 -16.67
C2 GOL Y . -6.17 2.28 -14.94
O2 GOL Y . -5.25 2.44 -13.88
C3 GOL Y . -7.12 1.17 -14.55
O3 GOL Y . -8.25 1.31 -15.36
C1 GOL Z . -23.11 7.77 -20.05
O1 GOL Z . -24.17 7.49 -19.14
C2 GOL Z . -23.54 8.46 -21.35
O2 GOL Z . -22.42 8.94 -22.09
C3 GOL Z . -24.46 9.64 -21.05
O3 GOL Z . -25.76 9.13 -20.78
C1 GOL AA . 3.95 -12.56 -6.32
O1 GOL AA . 5.04 -12.00 -5.59
C2 GOL AA . 2.74 -12.92 -5.46
O2 GOL AA . 1.92 -13.89 -6.08
C3 GOL AA . 1.91 -11.66 -5.16
O3 GOL AA . 1.33 -11.15 -6.36
C1 GOL BA . -2.66 -8.76 -28.29
O1 GOL BA . -1.50 -9.45 -28.73
C2 GOL BA . -3.89 -9.65 -28.05
O2 GOL BA . -3.59 -10.78 -27.23
C3 GOL BA . -4.46 -10.14 -29.39
O3 GOL BA . -5.47 -9.22 -29.84
MN MN CA . -10.23 31.57 28.35
S SO4 DA . -2.93 15.52 1.84
O1 SO4 DA . -3.36 16.60 0.70
O2 SO4 DA . -3.20 14.22 1.25
O3 SO4 DA . -1.67 15.68 2.16
O4 SO4 DA . -3.88 15.77 2.88
S SO4 EA . -13.80 17.17 29.80
O1 SO4 EA . -13.88 17.10 28.18
O2 SO4 EA . -14.27 15.88 30.24
O3 SO4 EA . -12.58 17.42 30.18
O4 SO4 EA . -14.77 18.19 30.12
S SO4 FA . -5.72 26.22 35.59
O1 SO4 FA . -5.10 25.66 34.19
O2 SO4 FA . -6.76 25.27 35.94
O3 SO4 FA . -4.78 26.29 36.50
O4 SO4 FA . -6.32 27.46 35.21
S SO4 GA . -22.72 30.32 6.39
O1 SO4 GA . -21.92 29.72 5.10
O2 SO4 GA . -22.28 29.51 7.51
O3 SO4 GA . -22.44 31.59 6.53
O4 SO4 GA . -24.10 30.03 6.08
S SO4 HA . -9.37 32.45 40.07
O1 SO4 HA . -8.60 31.19 40.73
O2 SO4 HA . -8.46 33.57 40.22
O3 SO4 HA . -9.67 32.19 38.82
O4 SO4 HA . -10.50 32.64 40.94
N1 UDH IA . -3.76 34.52 27.18
C2 UDH IA . -2.60 33.75 27.40
N3 UDH IA . -2.00 33.93 28.64
C4 UDH IA . -2.42 34.79 29.68
C5 UDH IA . -3.62 35.54 29.38
C6 UDH IA . -4.23 35.39 28.21
O2 UDH IA . -2.19 32.99 26.53
O4 UDH IA . -1.78 34.86 30.72
C1B UDH IA . -4.44 34.35 25.84
C2B UDH IA . -5.06 33.03 25.47
O2' UDH IA . -5.06 32.75 24.06
C3B UDH IA . -6.43 33.21 26.04
C4B UDH IA . -6.80 34.61 25.62
O4' UDH IA . -5.51 35.28 25.88
O3' UDH IA . -7.38 32.25 25.61
C5B UDH IA . -7.94 35.11 26.46
O5' UDH IA . -7.67 35.23 27.87
PA UDH IA . -8.44 34.37 28.97
O1A UDH IA . -8.52 32.98 28.47
O2A UDH IA . -7.91 34.44 30.34
O3A UDH IA . -9.92 35.13 28.94
PB UDH IA . -11.26 34.52 29.50
O1B UDH IA . -12.23 35.76 29.29
O2B UDH IA . -10.94 34.31 30.95
O3B UDH IA . -11.44 33.12 28.96
C1' UDH IA . -10.82 35.39 31.93
C2' UDH IA . -10.06 34.76 33.14
C3' UDH IA . -10.92 33.53 33.56
C4' UDH IA . -11.73 33.99 34.77
C5' UDH IA . -12.12 32.69 35.47
C6' UDH IA . -13.48 32.99 36.11
N6' UDH IA . -13.76 31.84 36.87
C1 DIO JA . -0.28 53.20 25.06
C2 DIO JA . -1.01 52.76 27.33
C1' DIO JA . -1.46 54.20 24.88
C2' DIO JA . -2.19 53.75 27.16
O1 DIO JA . 0.10 53.08 26.44
O1' DIO JA . -1.87 54.75 26.15
O1 MES KA . 11.20 41.85 12.98
C2 MES KA . 11.58 42.26 14.31
C3 MES KA . 10.50 43.20 14.87
N4 MES KA . 10.45 44.44 13.97
C5 MES KA . 10.12 44.01 12.54
C6 MES KA . 11.18 43.00 12.07
C7 MES KA . 9.40 45.45 14.43
C8 MES KA . 9.83 46.89 14.19
S MES KA . 8.56 48.01 14.78
O1S MES KA . 7.31 47.69 14.06
O2S MES KA . 9.04 49.39 14.51
O3S MES KA . 8.43 47.74 16.21
C1 GOL LA . -11.05 39.89 27.01
O1 GOL LA . -9.69 40.33 26.97
C2 GOL LA . -11.28 38.49 26.44
O2 GOL LA . -10.72 37.46 27.26
C3 GOL LA . -10.66 38.36 25.07
O3 GOL LA . -11.45 39.11 24.17
#